data_6CDD
#
_entry.id   6CDD
#
_cell.length_a   58.858
_cell.length_b   72.221
_cell.length_c   193.543
_cell.angle_alpha   90.000
_cell.angle_beta   96.714
_cell.angle_gamma   90.000
#
_symmetry.space_group_name_H-M   'P 1 21 1'
#
loop_
_entity.id
_entity.type
_entity.pdbx_description
1 polymer 'Npl4 zinc finger'
2 non-polymer 'ZINC ION'
3 water water
#
_entity_poly.entity_id   1
_entity_poly.type   'polypeptide(L)'
_entity_poly.pdbx_seq_one_letter_code
;IKNPWEVVRQSPLDDRLDKLDGKIPRKRGAMCRHGPKGMCDYCTPLDPFNPQYLEEKKIKYMSVHAYMRKINSATNRPEL
GSSFIPPLVEPYYRVKRDCPSGHPQWPEGICTKCQPSAITLQPQPFRMVDHVEFASPQIIDRFLDAWRRTGVQRLGILYG
RYLEYDAVPLGIKAVVEAIYEPPQVDEIDGITLNPWENEQEVNQVAKYCGLEQVGVIWTDLLDAGKGDGSVVCKRHADSY
FLAAQEIVFAARLQAQHPKPSKWSDTGRFGSNFVTCVVSGNEQGEISISAYQMSNDAVEMVRADIIEPSADPTLMLVREE
EEDDGSPSKTRYIPEVFYRKINEYGANVLENAKPAFPVEYLFVTLTHGFPDSPSPLFTDNIFPIENREYVGEAQEVSAVA
KALKVHEADAPMNVSDFHLLCFIHQMSVLSKEEEALLCRVATLHDLAESFQLRSTTGWQTLHMILQSTGERVPK
;
_entity_poly.pdbx_strand_id   A,B
#
loop_
_chem_comp.id
_chem_comp.type
_chem_comp.name
_chem_comp.formula
ZN non-polymer 'ZINC ION' 'Zn 2'
#
# COMPACT_ATOMS: atom_id res chain seq x y z
N ILE A 1 15.89 -56.61 -9.06
CA ILE A 1 15.85 -56.80 -7.62
C ILE A 1 14.59 -56.17 -7.07
N LYS A 2 14.64 -55.68 -5.82
CA LYS A 2 13.50 -54.98 -5.24
C LYS A 2 13.35 -53.62 -5.91
N ASN A 3 12.11 -53.30 -6.29
CA ASN A 3 11.81 -52.02 -6.90
C ASN A 3 11.74 -50.92 -5.84
N PRO A 4 11.81 -49.65 -6.26
CA PRO A 4 11.79 -48.57 -5.25
C PRO A 4 10.56 -48.59 -4.36
N TRP A 5 9.38 -48.85 -4.93
CA TRP A 5 8.15 -48.84 -4.14
C TRP A 5 8.01 -50.05 -3.23
N GLU A 6 9.01 -50.94 -3.20
CA GLU A 6 8.98 -52.08 -2.30
C GLU A 6 9.83 -51.88 -1.05
N VAL A 7 10.87 -51.05 -1.14
CA VAL A 7 11.82 -50.88 -0.05
C VAL A 7 11.55 -49.64 0.78
N VAL A 8 10.72 -48.71 0.30
CA VAL A 8 10.46 -47.47 1.02
C VAL A 8 9.50 -47.73 2.17
N ARG A 9 9.71 -47.01 3.27
CA ARG A 9 8.85 -47.11 4.45
C ARG A 9 8.00 -45.85 4.52
N GLN A 10 6.69 -46.02 4.37
CA GLN A 10 5.78 -44.90 4.47
C GLN A 10 5.53 -44.54 5.94
N SER A 11 4.90 -43.39 6.14
CA SER A 11 4.49 -42.99 7.47
C SER A 11 3.32 -43.85 7.94
N PRO A 12 3.12 -43.97 9.25
CA PRO A 12 1.89 -44.63 9.73
C PRO A 12 0.63 -44.01 9.17
N LEU A 13 0.63 -42.68 8.99
CA LEU A 13 -0.54 -42.00 8.45
C LEU A 13 -0.87 -42.50 7.05
N ASP A 14 0.14 -42.59 6.18
CA ASP A 14 -0.09 -43.08 4.84
C ASP A 14 -0.51 -44.55 4.85
N ASP A 15 0.05 -45.34 5.75
CA ASP A 15 -0.35 -46.74 5.86
C ASP A 15 -1.82 -46.86 6.24
N ARG A 16 -2.28 -46.02 7.18
CA ARG A 16 -3.69 -46.02 7.55
C ARG A 16 -4.56 -45.58 6.37
N LEU A 17 -4.17 -44.51 5.70
CA LEU A 17 -5.02 -43.95 4.64
C LEU A 17 -5.07 -44.84 3.41
N ASP A 18 -4.02 -45.64 3.16
CA ASP A 18 -4.05 -46.54 2.00
C ASP A 18 -5.21 -47.52 2.07
N LYS A 19 -5.63 -47.88 3.28
CA LYS A 19 -6.65 -48.90 3.47
C LYS A 19 -8.07 -48.36 3.36
N LEU A 20 -8.24 -47.05 3.28
CA LEU A 20 -9.55 -46.42 3.22
C LEU A 20 -9.92 -46.10 1.78
N ASP A 21 -11.20 -46.30 1.46
CA ASP A 21 -11.74 -45.89 0.17
C ASP A 21 -12.24 -44.45 0.18
N GLY A 22 -12.48 -43.89 1.37
CA GLY A 22 -12.89 -42.50 1.50
C GLY A 22 -14.26 -42.20 0.96
N LYS A 23 -15.06 -43.21 0.64
CA LYS A 23 -16.37 -42.95 0.06
C LYS A 23 -17.25 -42.20 1.05
N ILE A 24 -17.98 -41.20 0.54
CA ILE A 24 -18.83 -40.36 1.37
C ILE A 24 -20.21 -41.01 1.40
N PRO A 25 -20.68 -41.50 2.55
CA PRO A 25 -22.03 -42.08 2.60
C PRO A 25 -23.09 -41.01 2.38
N ARG A 26 -24.26 -41.47 1.97
CA ARG A 26 -25.39 -40.58 1.71
C ARG A 26 -26.67 -41.22 2.23
N LYS A 27 -27.64 -40.37 2.54
CA LYS A 27 -28.95 -40.81 2.95
C LYS A 27 -29.90 -40.79 1.76
N ARG A 28 -31.11 -41.30 1.99
CA ARG A 28 -32.15 -41.20 0.99
C ARG A 28 -32.40 -39.74 0.63
N GLY A 29 -32.66 -39.48 -0.65
CA GLY A 29 -32.86 -38.14 -1.13
C GLY A 29 -34.24 -37.93 -1.71
N ALA A 30 -34.45 -36.78 -2.36
CA ALA A 30 -35.75 -36.50 -2.95
C ALA A 30 -36.07 -37.44 -4.10
N MET A 31 -35.05 -37.96 -4.77
CA MET A 31 -35.26 -38.85 -5.91
C MET A 31 -35.22 -40.33 -5.52
N CYS A 32 -34.83 -40.67 -4.30
CA CYS A 32 -34.85 -42.05 -3.86
C CYS A 32 -36.28 -42.50 -3.61
N ARG A 33 -36.61 -43.71 -4.07
CA ARG A 33 -37.92 -44.31 -3.83
C ARG A 33 -37.71 -45.73 -3.30
N HIS A 34 -37.20 -45.82 -2.07
CA HIS A 34 -36.98 -47.11 -1.43
C HIS A 34 -36.91 -46.88 0.08
N GLY A 35 -36.87 -47.99 0.82
CA GLY A 35 -36.92 -47.93 2.25
C GLY A 35 -35.65 -47.37 2.85
N PRO A 36 -35.64 -47.22 4.17
CA PRO A 36 -34.46 -46.66 4.85
C PRO A 36 -33.21 -47.52 4.73
N LYS A 37 -33.32 -48.75 4.24
CA LYS A 37 -32.16 -49.62 4.11
C LYS A 37 -32.00 -50.17 2.70
N GLY A 38 -32.73 -49.63 1.71
CA GLY A 38 -32.48 -49.93 0.33
C GLY A 38 -31.44 -48.99 -0.24
N MET A 39 -31.23 -49.09 -1.55
CA MET A 39 -30.27 -48.20 -2.19
C MET A 39 -30.57 -48.12 -3.68
N CYS A 40 -30.25 -46.96 -4.26
CA CYS A 40 -30.36 -46.73 -5.68
C CYS A 40 -29.22 -45.81 -6.11
N ASP A 41 -29.19 -45.48 -7.40
CA ASP A 41 -28.11 -44.67 -7.95
C ASP A 41 -28.06 -43.28 -7.35
N TYR A 42 -29.11 -42.84 -6.66
CA TYR A 42 -29.15 -41.49 -6.08
C TYR A 42 -28.69 -41.46 -4.63
N CYS A 43 -28.54 -42.61 -3.98
CA CYS A 43 -28.06 -42.67 -2.60
C CYS A 43 -26.83 -43.55 -2.44
N THR A 44 -26.16 -43.91 -3.53
CA THR A 44 -24.92 -44.65 -3.41
C THR A 44 -23.84 -43.74 -2.85
N PRO A 45 -22.89 -44.30 -2.09
CA PRO A 45 -21.79 -43.48 -1.57
C PRO A 45 -21.04 -42.79 -2.70
N LEU A 46 -20.53 -41.60 -2.41
CA LEU A 46 -19.79 -40.81 -3.38
C LEU A 46 -18.30 -41.12 -3.30
N ASP A 47 -17.60 -40.91 -4.40
CA ASP A 47 -16.16 -41.06 -4.39
C ASP A 47 -15.53 -39.89 -3.63
N PRO A 48 -14.33 -40.09 -3.08
CA PRO A 48 -13.65 -38.96 -2.41
C PRO A 48 -13.37 -37.81 -3.34
N PHE A 49 -13.37 -38.05 -4.65
CA PHE A 49 -13.01 -37.04 -5.65
C PHE A 49 -14.22 -36.53 -6.42
N ASN A 50 -15.44 -36.83 -5.96
CA ASN A 50 -16.64 -36.40 -6.65
C ASN A 50 -16.61 -34.88 -6.83
N PRO A 51 -16.51 -34.37 -8.06
CA PRO A 51 -16.40 -32.92 -8.23
C PRO A 51 -17.56 -32.15 -7.62
N GLN A 52 -18.78 -32.67 -7.74
CA GLN A 52 -19.94 -31.96 -7.22
C GLN A 52 -19.85 -31.82 -5.70
N TYR A 53 -19.41 -32.89 -5.02
CA TYR A 53 -19.31 -32.84 -3.57
C TYR A 53 -18.28 -31.81 -3.12
N LEU A 54 -17.10 -31.81 -3.75
CA LEU A 54 -16.06 -30.86 -3.38
C LEU A 54 -16.49 -29.42 -3.69
N GLU A 55 -17.17 -29.22 -4.82
CA GLU A 55 -17.68 -27.89 -5.13
C GLU A 55 -18.70 -27.45 -4.09
N GLU A 56 -19.58 -28.35 -3.67
CA GLU A 56 -20.61 -28.01 -2.70
C GLU A 56 -20.02 -27.66 -1.35
N LYS A 57 -18.92 -28.31 -0.97
CA LYS A 57 -18.25 -28.04 0.29
C LYS A 57 -17.16 -26.99 0.18
N LYS A 58 -17.05 -26.32 -0.97
CA LYS A 58 -16.04 -25.27 -1.18
C LYS A 58 -14.64 -25.83 -0.92
N ILE A 59 -14.38 -27.02 -1.44
CA ILE A 59 -13.07 -27.65 -1.36
C ILE A 59 -12.40 -27.47 -2.72
N LYS A 60 -11.35 -26.63 -2.76
CA LYS A 60 -10.76 -26.25 -4.03
C LYS A 60 -9.92 -27.37 -4.63
N TYR A 61 -9.32 -28.21 -3.80
CA TYR A 61 -8.50 -29.31 -4.27
C TYR A 61 -8.87 -30.59 -3.53
N MET A 62 -8.79 -31.71 -4.24
CA MET A 62 -8.97 -33.00 -3.59
C MET A 62 -7.66 -33.46 -2.96
N SER A 63 -7.77 -34.24 -1.89
CA SER A 63 -6.59 -34.78 -1.24
C SER A 63 -5.83 -35.69 -2.21
N VAL A 64 -4.53 -35.80 -2.00
CA VAL A 64 -3.71 -36.64 -2.88
C VAL A 64 -4.18 -38.08 -2.84
N HIS A 65 -4.71 -38.53 -1.70
CA HIS A 65 -5.23 -39.89 -1.62
C HIS A 65 -6.48 -40.06 -2.47
N ALA A 66 -7.39 -39.08 -2.44
CA ALA A 66 -8.54 -39.11 -3.32
C ALA A 66 -8.11 -39.12 -4.78
N TYR A 67 -7.09 -38.34 -5.11
CA TYR A 67 -6.57 -38.33 -6.48
C TYR A 67 -6.06 -39.72 -6.87
N MET A 68 -5.36 -40.39 -5.95
CA MET A 68 -4.89 -41.75 -6.22
C MET A 68 -6.06 -42.70 -6.45
N ARG A 69 -7.07 -42.64 -5.58
CA ARG A 69 -8.27 -43.43 -5.78
C ARG A 69 -8.86 -43.18 -7.16
N LYS A 70 -8.85 -41.92 -7.61
CA LYS A 70 -9.42 -41.56 -8.89
C LYS A 70 -8.65 -42.20 -10.04
N ILE A 71 -7.32 -42.11 -10.01
CA ILE A 71 -6.51 -42.53 -11.15
C ILE A 71 -6.10 -43.99 -11.10
N ASN A 72 -6.42 -44.71 -10.02
CA ASN A 72 -5.93 -46.07 -9.82
C ASN A 72 -7.08 -47.02 -9.59
N SER A 73 -7.00 -48.19 -10.22
CA SER A 73 -7.94 -49.27 -9.97
C SER A 73 -7.72 -49.83 -8.57
N ALA A 74 -8.83 -50.05 -7.84
CA ALA A 74 -8.73 -50.43 -6.44
C ALA A 74 -8.03 -51.78 -6.23
N THR A 75 -8.02 -52.63 -7.25
CA THR A 75 -7.36 -53.93 -7.11
C THR A 75 -5.85 -53.81 -7.20
N ASN A 76 -5.34 -52.83 -7.94
CA ASN A 76 -3.90 -52.63 -8.08
C ASN A 76 -3.31 -52.05 -6.80
N ARG A 77 -2.81 -52.93 -5.93
CA ARG A 77 -2.23 -52.52 -4.67
C ARG A 77 -0.87 -53.18 -4.48
N PRO A 78 -0.02 -52.62 -3.62
CA PRO A 78 1.29 -53.25 -3.38
C PRO A 78 1.19 -54.69 -2.91
N GLU A 79 0.08 -55.07 -2.27
CA GLU A 79 -0.07 -56.44 -1.77
C GLU A 79 0.08 -57.45 -2.89
N LEU A 80 -0.30 -57.08 -4.12
CA LEU A 80 -0.13 -58.01 -5.24
C LEU A 80 1.33 -58.40 -5.42
N GLY A 81 2.25 -57.44 -5.24
CA GLY A 81 3.67 -57.72 -5.31
C GLY A 81 4.27 -57.44 -6.67
N SER A 82 4.71 -58.48 -7.37
CA SER A 82 5.36 -58.31 -8.65
C SER A 82 4.42 -57.78 -9.73
N SER A 83 3.11 -58.00 -9.58
CA SER A 83 2.13 -57.53 -10.55
C SER A 83 1.67 -56.11 -10.28
N PHE A 84 2.12 -55.49 -9.20
CA PHE A 84 1.69 -54.14 -8.86
C PHE A 84 2.30 -53.13 -9.83
N ILE A 85 1.48 -52.20 -10.32
CA ILE A 85 1.92 -51.12 -11.17
C ILE A 85 1.73 -49.82 -10.40
N PRO A 86 2.78 -49.16 -9.92
CA PRO A 86 2.60 -47.91 -9.18
C PRO A 86 1.89 -46.88 -10.04
N PRO A 87 0.74 -46.36 -9.60
CA PRO A 87 0.01 -45.39 -10.42
C PRO A 87 0.58 -43.98 -10.41
N LEU A 88 1.38 -43.63 -9.41
CA LEU A 88 1.92 -42.28 -9.29
C LEU A 88 3.27 -42.19 -9.98
N VAL A 89 3.42 -41.15 -10.80
CA VAL A 89 4.68 -40.84 -11.48
C VAL A 89 5.08 -39.42 -11.10
N GLU A 90 6.20 -39.29 -10.42
CA GLU A 90 6.66 -37.96 -10.05
C GLU A 90 7.17 -37.24 -11.29
N PRO A 91 6.83 -35.96 -11.48
CA PRO A 91 7.29 -35.24 -12.67
C PRO A 91 8.80 -35.27 -12.80
N TYR A 92 9.28 -35.53 -14.01
CA TYR A 92 10.71 -35.50 -14.32
C TYR A 92 10.85 -34.78 -15.66
N TYR A 93 11.28 -33.51 -15.59
CA TYR A 93 11.40 -32.67 -16.76
C TYR A 93 12.86 -32.42 -17.13
N ARG A 94 13.73 -33.35 -16.75
CA ARG A 94 15.14 -33.30 -17.09
C ARG A 94 15.46 -34.41 -18.07
N VAL A 95 16.68 -34.39 -18.60
CA VAL A 95 17.12 -35.45 -19.49
C VAL A 95 17.18 -36.76 -18.71
N LYS A 96 16.81 -37.85 -19.37
CA LYS A 96 16.80 -39.14 -18.69
C LYS A 96 18.21 -39.63 -18.42
N ARG A 97 18.36 -40.43 -17.37
CA ARG A 97 19.65 -40.88 -16.89
C ARG A 97 20.01 -42.21 -17.53
N ASP A 98 21.29 -42.38 -17.87
CA ASP A 98 21.81 -43.61 -18.46
C ASP A 98 21.02 -43.99 -19.72
N CYS A 99 21.18 -43.14 -20.72
CA CYS A 99 20.51 -43.36 -22.00
C CYS A 99 21.26 -44.43 -22.81
N PRO A 100 20.64 -45.59 -23.09
CA PRO A 100 21.30 -46.63 -23.90
C PRO A 100 21.06 -46.46 -25.40
N SER A 101 21.27 -45.24 -25.90
CA SER A 101 21.07 -44.92 -27.31
C SER A 101 22.34 -44.97 -28.14
N GLY A 102 23.49 -44.75 -27.52
CA GLY A 102 24.76 -44.76 -28.23
C GLY A 102 25.50 -43.45 -28.12
N HIS A 103 24.77 -42.34 -28.16
CA HIS A 103 25.40 -41.03 -28.03
C HIS A 103 25.97 -40.88 -26.62
N PRO A 104 26.92 -39.97 -26.43
CA PRO A 104 27.44 -39.73 -25.09
C PRO A 104 26.34 -39.17 -24.18
N GLN A 105 26.62 -39.14 -22.88
CA GLN A 105 25.63 -38.69 -21.93
C GLN A 105 25.27 -37.22 -22.18
N TRP A 106 24.28 -36.75 -21.43
CA TRP A 106 23.58 -35.50 -21.71
C TRP A 106 24.50 -34.36 -22.13
N PRO A 107 25.42 -33.91 -21.27
CA PRO A 107 26.18 -32.69 -21.58
C PRO A 107 26.86 -32.73 -22.94
N GLU A 108 27.09 -33.94 -23.47
CA GLU A 108 27.79 -34.10 -24.74
C GLU A 108 26.93 -34.69 -25.84
N GLY A 109 25.77 -35.26 -25.52
CA GLY A 109 24.90 -35.84 -26.53
C GLY A 109 23.48 -35.94 -26.03
N ILE A 110 22.56 -36.15 -26.98
CA ILE A 110 21.14 -36.24 -26.63
C ILE A 110 20.33 -36.76 -27.82
N CYS A 111 19.55 -37.81 -27.59
CA CYS A 111 18.62 -38.34 -28.57
C CYS A 111 17.20 -38.01 -28.15
N THR A 112 16.26 -38.29 -29.06
CA THR A 112 14.85 -38.00 -28.77
C THR A 112 14.30 -38.84 -27.63
N LYS A 113 14.93 -39.98 -27.31
CA LYS A 113 14.42 -40.86 -26.27
C LYS A 113 14.82 -40.43 -24.88
N CYS A 114 15.87 -39.62 -24.74
CA CYS A 114 16.31 -39.14 -23.44
C CYS A 114 15.99 -37.68 -23.19
N GLN A 115 15.51 -36.94 -24.19
CA GLN A 115 15.12 -35.57 -23.96
C GLN A 115 13.78 -35.51 -23.22
N PRO A 116 13.59 -34.53 -22.35
CA PRO A 116 12.31 -34.41 -21.64
C PRO A 116 11.20 -33.94 -22.56
N SER A 117 9.99 -34.41 -22.28
CA SER A 117 8.81 -34.01 -23.05
C SER A 117 8.42 -32.57 -22.73
N ALA A 118 7.54 -32.04 -23.58
CA ALA A 118 7.05 -30.69 -23.39
C ALA A 118 6.22 -30.56 -22.12
N ILE A 119 6.48 -29.50 -21.36
CA ILE A 119 5.76 -29.24 -20.12
C ILE A 119 4.45 -28.53 -20.43
N THR A 120 3.39 -28.91 -19.73
CA THR A 120 2.09 -28.24 -19.84
C THR A 120 1.63 -27.88 -18.44
N LEU A 121 1.81 -26.62 -18.06
CA LEU A 121 1.41 -26.12 -16.74
C LEU A 121 -0.10 -25.92 -16.71
N GLN A 122 -0.80 -26.80 -16.00
CA GLN A 122 -2.19 -26.63 -15.63
C GLN A 122 -2.29 -26.55 -14.12
N PRO A 123 -3.37 -25.96 -13.59
CA PRO A 123 -3.53 -25.94 -12.13
C PRO A 123 -3.64 -27.34 -11.56
N GLN A 124 -2.86 -27.59 -10.51
CA GLN A 124 -2.80 -28.93 -9.90
C GLN A 124 -4.12 -29.25 -9.22
N PRO A 125 -4.80 -30.35 -9.58
CA PRO A 125 -6.12 -30.63 -8.98
C PRO A 125 -6.05 -31.28 -7.61
N PHE A 126 -4.87 -31.62 -7.11
CA PHE A 126 -4.72 -32.25 -5.81
C PHE A 126 -3.69 -31.47 -4.99
N ARG A 127 -3.70 -31.72 -3.68
CA ARG A 127 -2.70 -31.17 -2.78
C ARG A 127 -2.21 -32.26 -1.84
N MET A 128 -0.90 -32.30 -1.61
CA MET A 128 -0.31 -33.30 -0.71
C MET A 128 -0.86 -33.15 0.70
N VAL A 129 -0.87 -31.93 1.22
CA VAL A 129 -1.42 -31.62 2.52
C VAL A 129 -2.61 -30.69 2.32
N ASP A 130 -3.65 -30.88 3.15
CA ASP A 130 -4.89 -30.14 2.99
C ASP A 130 -5.08 -29.05 4.02
N HIS A 131 -4.53 -29.20 5.22
CA HIS A 131 -4.82 -28.27 6.31
C HIS A 131 -3.55 -27.99 7.10
N VAL A 132 -3.51 -26.81 7.71
CA VAL A 132 -2.43 -26.44 8.63
C VAL A 132 -3.07 -26.03 9.95
N GLU A 133 -2.92 -26.87 10.96
CA GLU A 133 -3.49 -26.63 12.27
C GLU A 133 -2.36 -26.22 13.22
N PHE A 134 -2.48 -25.04 13.81
CA PHE A 134 -1.52 -24.59 14.81
C PHE A 134 -2.04 -24.98 16.19
N ALA A 135 -1.22 -25.75 16.92
CA ALA A 135 -1.65 -26.32 18.20
C ALA A 135 -2.09 -25.25 19.19
N SER A 136 -1.61 -24.01 19.04
CA SER A 136 -1.99 -22.96 19.98
C SER A 136 -1.69 -21.61 19.35
N PRO A 137 -2.52 -20.59 19.58
CA PRO A 137 -2.17 -19.25 19.09
C PRO A 137 -0.90 -18.70 19.72
N GLN A 138 -0.54 -19.17 20.90
CA GLN A 138 0.69 -18.72 21.53
C GLN A 138 1.90 -18.97 20.65
N ILE A 139 1.87 -20.03 19.83
CA ILE A 139 2.99 -20.30 18.93
C ILE A 139 3.20 -19.12 17.99
N ILE A 140 2.14 -18.73 17.28
CA ILE A 140 2.24 -17.63 16.33
C ILE A 140 2.52 -16.32 17.05
N ASP A 141 1.94 -16.13 18.24
CA ASP A 141 2.16 -14.87 18.96
C ASP A 141 3.61 -14.74 19.38
N ARG A 142 4.18 -15.79 19.95
CA ARG A 142 5.60 -15.79 20.30
C ARG A 142 6.47 -15.58 19.08
N PHE A 143 6.09 -16.18 17.95
CA PHE A 143 6.84 -15.96 16.72
C PHE A 143 6.81 -14.50 16.29
N LEU A 144 5.61 -13.92 16.23
CA LEU A 144 5.44 -12.54 15.76
C LEU A 144 6.00 -11.51 16.74
N ASP A 145 6.23 -11.90 18.00
CA ASP A 145 6.88 -10.98 18.94
C ASP A 145 8.15 -10.39 18.34
N ALA A 146 8.89 -11.19 17.57
CA ALA A 146 10.11 -10.70 16.93
C ALA A 146 9.82 -9.48 16.08
N TRP A 147 8.79 -9.54 15.24
CA TRP A 147 8.44 -8.42 14.38
C TRP A 147 7.83 -7.27 15.18
N ARG A 148 6.98 -7.59 16.16
CA ARG A 148 6.33 -6.55 16.95
C ARG A 148 7.34 -5.59 17.57
N ARG A 149 8.49 -6.12 18.00
CA ARG A 149 9.47 -5.34 18.72
C ARG A 149 10.61 -4.84 17.82
N THR A 150 10.53 -5.06 16.51
CA THR A 150 11.62 -4.71 15.62
C THR A 150 11.14 -3.96 14.38
N GLY A 151 9.94 -4.27 13.91
CA GLY A 151 9.45 -3.72 12.67
C GLY A 151 10.01 -4.37 11.43
N VAL A 152 10.82 -5.42 11.58
CA VAL A 152 11.37 -6.14 10.43
C VAL A 152 10.73 -7.52 10.41
N GLN A 153 10.80 -8.15 9.22
CA GLN A 153 10.13 -9.43 9.02
C GLN A 153 10.88 -10.52 9.77
N ARG A 154 10.35 -11.74 9.71
CA ARG A 154 10.92 -12.86 10.45
C ARG A 154 10.51 -14.16 9.77
N LEU A 155 11.42 -15.13 9.78
CA LEU A 155 11.18 -16.44 9.19
C LEU A 155 11.43 -17.52 10.24
N GLY A 156 10.61 -18.58 10.18
CA GLY A 156 10.76 -19.70 11.08
C GLY A 156 10.46 -21.01 10.38
N ILE A 157 10.97 -22.08 10.98
CA ILE A 157 10.73 -23.44 10.50
C ILE A 157 9.68 -24.09 11.39
N LEU A 158 8.63 -24.62 10.77
CA LEU A 158 7.54 -25.24 11.50
C LEU A 158 7.91 -26.67 11.87
N TYR A 159 7.90 -26.99 13.16
CA TYR A 159 8.11 -28.34 13.64
C TYR A 159 6.77 -28.90 14.12
N GLY A 160 6.48 -30.14 13.73
CA GLY A 160 5.20 -30.72 14.08
C GLY A 160 5.04 -32.14 13.55
N ARG A 161 3.80 -32.50 13.21
CA ARG A 161 3.53 -33.85 12.75
C ARG A 161 2.29 -33.85 11.86
N TYR A 162 2.11 -34.93 11.11
CA TYR A 162 1.02 -35.04 10.15
C TYR A 162 -0.06 -35.99 10.67
N LEU A 163 -1.32 -35.57 10.51
CA LEU A 163 -2.45 -36.33 10.99
C LEU A 163 -3.56 -36.33 9.96
N GLU A 164 -4.55 -37.19 10.17
CA GLU A 164 -5.74 -37.20 9.33
C GLU A 164 -6.55 -35.93 9.54
N TYR A 165 -7.01 -35.36 8.43
CA TYR A 165 -7.91 -34.21 8.43
C TYR A 165 -9.25 -34.70 7.89
N ASP A 166 -10.25 -34.74 8.76
CA ASP A 166 -11.53 -35.36 8.47
C ASP A 166 -12.49 -34.43 7.74
N ALA A 167 -12.30 -33.11 7.84
CA ALA A 167 -13.22 -32.17 7.20
C ALA A 167 -13.26 -32.31 5.69
N VAL A 168 -12.29 -32.99 5.09
CA VAL A 168 -12.24 -33.18 3.65
C VAL A 168 -12.01 -34.67 3.38
N PRO A 169 -12.51 -35.22 2.27
CA PRO A 169 -12.30 -36.64 1.99
C PRO A 169 -10.83 -37.06 2.06
N LEU A 170 -10.52 -37.94 3.02
CA LEU A 170 -9.16 -38.48 3.17
C LEU A 170 -8.14 -37.36 3.37
N GLY A 171 -8.51 -36.33 4.13
CA GLY A 171 -7.65 -35.17 4.23
C GLY A 171 -6.43 -35.42 5.09
N ILE A 172 -5.45 -34.53 4.95
CA ILE A 172 -4.26 -34.54 5.79
C ILE A 172 -4.03 -33.13 6.31
N LYS A 173 -3.57 -33.04 7.55
CA LYS A 173 -3.24 -31.77 8.16
C LYS A 173 -1.86 -31.84 8.79
N ALA A 174 -1.14 -30.73 8.72
CA ALA A 174 0.11 -30.53 9.43
C ALA A 174 -0.20 -29.82 10.73
N VAL A 175 0.07 -30.47 11.85
CA VAL A 175 -0.11 -29.90 13.18
C VAL A 175 1.23 -29.34 13.62
N VAL A 176 1.26 -28.03 13.83
CA VAL A 176 2.48 -27.31 14.20
C VAL A 176 2.52 -27.19 15.71
N GLU A 177 3.61 -27.66 16.33
CA GLU A 177 3.81 -27.55 17.76
C GLU A 177 4.82 -26.48 18.15
N ALA A 178 5.71 -26.09 17.24
CA ALA A 178 6.72 -25.10 17.55
C ALA A 178 7.23 -24.48 16.26
N ILE A 179 7.81 -23.28 16.40
CA ILE A 179 8.43 -22.56 15.30
C ILE A 179 9.87 -22.27 15.70
N TYR A 180 10.82 -22.91 15.02
CA TYR A 180 12.23 -22.65 15.23
C TYR A 180 12.68 -21.53 14.29
N GLU A 181 13.35 -20.52 14.84
CA GLU A 181 13.79 -19.38 14.06
C GLU A 181 15.27 -19.52 13.76
N PRO A 182 15.66 -19.83 12.53
CA PRO A 182 17.08 -20.11 12.24
C PRO A 182 17.84 -18.83 11.98
N PRO A 183 19.17 -18.93 11.85
CA PRO A 183 19.98 -17.72 11.62
C PRO A 183 19.50 -16.95 10.40
N GLN A 184 19.45 -15.63 10.52
CA GLN A 184 18.90 -14.80 9.47
C GLN A 184 19.22 -13.34 9.75
N VAL A 185 19.16 -12.54 8.69
CA VAL A 185 19.22 -11.08 8.76
C VAL A 185 17.90 -10.57 8.17
N ASP A 186 17.13 -9.88 9.00
CA ASP A 186 15.78 -9.45 8.64
C ASP A 186 15.75 -7.95 8.38
N GLU A 187 15.00 -7.54 7.37
CA GLU A 187 14.79 -6.14 7.06
C GLU A 187 13.29 -5.92 6.89
N ILE A 188 12.92 -4.65 6.67
CA ILE A 188 11.51 -4.30 6.60
C ILE A 188 10.82 -4.95 5.42
N ASP A 189 11.58 -5.39 4.40
CA ASP A 189 11.00 -5.88 3.16
C ASP A 189 11.81 -7.05 2.62
N GLY A 190 12.31 -7.91 3.50
CA GLY A 190 13.06 -9.06 3.03
C GLY A 190 13.75 -9.77 4.17
N ILE A 191 14.22 -10.98 3.86
CA ILE A 191 14.91 -11.84 4.80
C ILE A 191 16.06 -12.53 4.07
N THR A 192 17.25 -12.52 4.66
CA THR A 192 18.39 -13.25 4.13
C THR A 192 18.75 -14.36 5.12
N LEU A 193 18.81 -15.59 4.62
CA LEU A 193 19.11 -16.73 5.48
C LEU A 193 20.61 -16.98 5.52
N ASN A 194 21.10 -17.29 6.72
CA ASN A 194 22.50 -17.64 6.94
C ASN A 194 22.64 -19.13 7.21
N PRO A 195 23.85 -19.68 7.09
CA PRO A 195 24.02 -21.11 7.32
C PRO A 195 23.42 -21.58 8.64
N TRP A 196 22.55 -22.59 8.54
CA TRP A 196 21.91 -23.21 9.71
C TRP A 196 22.79 -24.36 10.15
N GLU A 197 23.73 -24.07 11.07
CA GLU A 197 24.77 -25.03 11.39
C GLU A 197 24.22 -26.20 12.22
N ASN A 198 23.27 -25.93 13.11
CA ASN A 198 22.78 -26.93 14.04
C ASN A 198 21.44 -27.53 13.60
N GLU A 199 21.14 -27.50 12.31
CA GLU A 199 19.84 -28.01 11.84
C GLU A 199 19.66 -29.46 12.23
N GLN A 200 20.71 -30.27 12.11
CA GLN A 200 20.58 -31.69 12.43
C GLN A 200 20.36 -31.90 13.92
N GLU A 201 20.96 -31.07 14.76
CA GLU A 201 20.73 -31.18 16.20
C GLU A 201 19.28 -30.82 16.56
N VAL A 202 18.75 -29.76 15.97
CA VAL A 202 17.36 -29.39 16.20
C VAL A 202 16.44 -30.50 15.70
N ASN A 203 16.78 -31.11 14.56
CA ASN A 203 16.00 -32.23 14.05
C ASN A 203 16.03 -33.40 15.04
N GLN A 204 17.20 -33.67 15.63
CA GLN A 204 17.31 -34.73 16.62
C GLN A 204 16.40 -34.45 17.82
N VAL A 205 16.45 -33.21 18.31
CA VAL A 205 15.60 -32.85 19.44
C VAL A 205 14.13 -33.04 19.09
N ALA A 206 13.72 -32.53 17.92
CA ALA A 206 12.34 -32.69 17.49
C ALA A 206 11.95 -34.16 17.37
N LYS A 207 12.89 -34.99 16.93
CA LYS A 207 12.61 -36.43 16.83
C LYS A 207 12.38 -37.03 18.21
N TYR A 208 13.22 -36.69 19.19
CA TYR A 208 12.96 -37.10 20.56
C TYR A 208 11.56 -36.69 21.01
N CYS A 209 11.06 -35.56 20.50
CA CYS A 209 9.71 -35.10 20.80
C CYS A 209 8.66 -35.71 19.87
N GLY A 210 9.06 -36.60 18.97
CA GLY A 210 8.13 -37.15 17.99
C GLY A 210 7.69 -36.13 16.96
N LEU A 211 8.53 -35.17 16.62
CA LEU A 211 8.21 -34.11 15.68
C LEU A 211 9.19 -34.12 14.52
N GLU A 212 8.86 -33.34 13.49
CA GLU A 212 9.71 -33.20 12.32
C GLU A 212 9.44 -31.84 11.69
N GLN A 213 10.32 -31.45 10.77
CA GLN A 213 10.07 -30.26 9.96
C GLN A 213 8.86 -30.52 9.07
N VAL A 214 7.86 -29.63 9.15
CA VAL A 214 6.64 -29.78 8.37
C VAL A 214 6.42 -28.62 7.41
N GLY A 215 7.17 -27.53 7.52
CA GLY A 215 6.99 -26.42 6.61
C GLY A 215 7.82 -25.23 7.03
N VAL A 216 7.58 -24.12 6.34
CA VAL A 216 8.26 -22.86 6.61
C VAL A 216 7.20 -21.79 6.77
N ILE A 217 7.55 -20.74 7.52
CA ILE A 217 6.65 -19.61 7.72
C ILE A 217 7.49 -18.35 7.69
N TRP A 218 6.90 -17.27 7.17
CA TRP A 218 7.56 -15.98 7.21
C TRP A 218 6.49 -14.89 7.17
N THR A 219 6.93 -13.67 7.46
CA THR A 219 6.03 -12.54 7.64
C THR A 219 6.22 -11.53 6.52
N ASP A 220 5.12 -10.88 6.16
CA ASP A 220 5.13 -9.72 5.28
C ASP A 220 4.19 -8.69 5.90
N LEU A 221 4.57 -8.22 7.09
CA LEU A 221 3.71 -7.39 7.93
C LEU A 221 4.19 -5.96 7.91
N LEU A 222 3.23 -5.03 7.93
CA LEU A 222 3.53 -3.60 7.90
C LEU A 222 2.41 -2.88 8.62
N ASP A 223 2.75 -2.19 9.70
CA ASP A 223 1.73 -1.51 10.51
C ASP A 223 1.00 -0.46 9.67
N ALA A 224 -0.32 -0.45 9.79
CA ALA A 224 -1.12 0.51 9.04
C ALA A 224 -0.98 1.93 9.59
N GLY A 225 -0.51 2.08 10.83
CA GLY A 225 -0.32 3.38 11.42
C GLY A 225 -1.56 3.93 12.11
N LYS A 226 -2.30 3.05 12.78
CA LYS A 226 -3.49 3.46 13.53
C LYS A 226 -3.41 3.10 15.01
N GLY A 227 -2.23 2.69 15.49
CA GLY A 227 -2.08 2.39 16.90
C GLY A 227 -3.06 1.38 17.44
N ASP A 228 -3.65 0.56 16.58
CA ASP A 228 -4.59 -0.47 16.98
C ASP A 228 -4.16 -1.86 16.53
N GLY A 229 -2.90 -2.01 16.11
CA GLY A 229 -2.39 -3.27 15.64
C GLY A 229 -2.71 -3.59 14.20
N SER A 230 -3.66 -2.89 13.59
CA SER A 230 -4.00 -3.16 12.19
C SER A 230 -2.77 -3.03 11.30
N VAL A 231 -2.71 -3.88 10.28
CA VAL A 231 -1.59 -3.91 9.35
C VAL A 231 -2.11 -3.65 7.94
N VAL A 232 -1.18 -3.35 7.03
CA VAL A 232 -1.52 -3.06 5.65
C VAL A 232 -1.77 -4.36 4.90
N CYS A 233 -2.77 -4.34 4.02
CA CYS A 233 -3.06 -5.46 3.13
C CYS A 233 -2.31 -5.27 1.82
N LYS A 234 -1.13 -5.89 1.71
CA LYS A 234 -0.30 -5.75 0.53
C LYS A 234 -0.34 -6.95 -0.41
N ARG A 235 -0.86 -8.09 0.04
CA ARG A 235 -1.00 -9.29 -0.78
C ARG A 235 -2.47 -9.52 -1.08
N HIS A 236 -2.83 -9.44 -2.35
CA HIS A 236 -4.23 -9.45 -2.77
C HIS A 236 -4.25 -9.68 -4.29
N ALA A 237 -5.45 -9.62 -4.87
CA ALA A 237 -5.60 -9.89 -6.29
C ALA A 237 -4.77 -8.94 -7.14
N ASP A 238 -4.86 -7.63 -6.86
CA ASP A 238 -4.18 -6.62 -7.67
C ASP A 238 -2.67 -6.61 -7.46
N SER A 239 -2.15 -7.40 -6.52
CA SER A 239 -0.71 -7.52 -6.34
C SER A 239 -0.29 -8.98 -6.52
N TYR A 240 0.06 -9.66 -5.42
CA TYR A 240 0.43 -11.06 -5.49
C TYR A 240 0.20 -11.69 -4.13
N PHE A 241 0.04 -13.01 -4.14
CA PHE A 241 -0.05 -13.80 -2.92
C PHE A 241 1.27 -14.50 -2.59
N LEU A 242 1.98 -14.97 -3.60
CA LEU A 242 3.35 -15.45 -3.46
C LEU A 242 4.18 -14.89 -4.60
N ALA A 243 5.37 -14.39 -4.28
CA ALA A 243 6.27 -13.86 -5.29
C ALA A 243 7.05 -15.01 -5.94
N ALA A 244 7.43 -14.79 -7.20
CA ALA A 244 8.14 -15.83 -7.95
C ALA A 244 9.35 -16.33 -7.17
N GLN A 245 10.10 -15.41 -6.56
CA GLN A 245 11.27 -15.81 -5.79
C GLN A 245 10.85 -16.63 -4.57
N GLU A 246 9.77 -16.23 -3.90
CA GLU A 246 9.24 -17.02 -2.79
C GLU A 246 8.82 -18.41 -3.27
N ILE A 247 8.22 -18.50 -4.46
CA ILE A 247 7.81 -19.79 -4.98
C ILE A 247 9.02 -20.67 -5.23
N VAL A 248 10.09 -20.11 -5.79
CA VAL A 248 11.31 -20.89 -6.03
C VAL A 248 11.90 -21.34 -4.70
N PHE A 249 11.91 -20.46 -3.70
CA PHE A 249 12.42 -20.80 -2.38
C PHE A 249 11.65 -21.99 -1.80
N ALA A 250 10.32 -21.88 -1.77
CA ALA A 250 9.50 -22.95 -1.22
C ALA A 250 9.62 -24.23 -2.04
N ALA A 251 9.80 -24.12 -3.35
CA ALA A 251 9.95 -25.31 -4.18
C ALA A 251 11.26 -26.03 -3.86
N ARG A 252 12.35 -25.27 -3.72
CA ARG A 252 13.60 -25.89 -3.28
C ARG A 252 13.43 -26.57 -1.94
N LEU A 253 12.70 -25.93 -1.01
CA LEU A 253 12.49 -26.57 0.28
C LEU A 253 11.71 -27.88 0.14
N GLN A 254 10.65 -27.87 -0.67
CA GLN A 254 9.86 -29.09 -0.87
C GLN A 254 10.70 -30.20 -1.51
N ALA A 255 11.55 -29.83 -2.46
CA ALA A 255 12.40 -30.84 -3.09
C ALA A 255 13.32 -31.52 -2.08
N GLN A 256 13.72 -30.79 -1.05
CA GLN A 256 14.59 -31.33 -0.01
C GLN A 256 13.83 -32.12 1.04
N HIS A 257 12.50 -32.21 0.92
CA HIS A 257 11.66 -32.95 1.86
C HIS A 257 10.70 -33.84 1.08
N PRO A 258 11.23 -34.80 0.32
CA PRO A 258 10.36 -35.70 -0.44
C PRO A 258 9.58 -36.64 0.47
N LYS A 259 8.37 -36.99 0.04
CA LYS A 259 7.51 -37.89 0.78
C LYS A 259 7.68 -39.30 0.24
N PRO A 260 8.04 -40.29 1.07
CA PRO A 260 8.12 -41.66 0.57
C PRO A 260 6.73 -42.21 0.27
N SER A 261 6.65 -43.01 -0.80
CA SER A 261 5.37 -43.53 -1.24
C SER A 261 5.57 -44.91 -1.86
N LYS A 262 4.81 -45.89 -1.37
CA LYS A 262 4.80 -47.22 -1.94
C LYS A 262 4.01 -47.30 -3.24
N TRP A 263 3.46 -46.19 -3.71
CA TRP A 263 2.64 -46.16 -4.91
C TRP A 263 3.32 -45.43 -6.07
N SER A 264 4.56 -44.98 -5.90
CA SER A 264 5.28 -44.27 -6.94
C SER A 264 6.34 -45.18 -7.56
N ASP A 265 6.61 -44.95 -8.85
CA ASP A 265 7.64 -45.73 -9.53
C ASP A 265 9.03 -45.49 -8.94
N THR A 266 9.20 -44.43 -8.14
CA THR A 266 10.49 -44.10 -7.56
C THR A 266 10.49 -44.19 -6.03
N GLY A 267 9.40 -44.61 -5.42
CA GLY A 267 9.32 -44.71 -3.97
C GLY A 267 9.01 -43.41 -3.26
N ARG A 268 9.03 -42.28 -3.95
CA ARG A 268 8.69 -40.99 -3.36
C ARG A 268 7.81 -40.22 -4.33
N PHE A 269 6.89 -39.44 -3.78
CA PHE A 269 5.96 -38.65 -4.59
C PHE A 269 5.57 -37.40 -3.81
N GLY A 270 5.81 -36.24 -4.40
CA GLY A 270 5.41 -35.00 -3.77
C GLY A 270 6.18 -34.73 -2.48
N SER A 271 5.63 -33.81 -1.70
CA SER A 271 6.24 -33.40 -0.45
C SER A 271 5.15 -32.86 0.47
N ASN A 272 5.28 -33.15 1.77
CA ASN A 272 4.35 -32.64 2.77
C ASN A 272 4.77 -31.29 3.34
N PHE A 273 5.85 -30.70 2.84
CA PHE A 273 6.34 -29.43 3.34
C PHE A 273 5.38 -28.31 2.95
N VAL A 274 4.79 -27.65 3.94
CA VAL A 274 3.85 -26.57 3.69
C VAL A 274 4.58 -25.24 3.79
N THR A 275 3.92 -24.16 3.34
CA THR A 275 4.48 -22.82 3.38
C THR A 275 3.43 -21.87 3.93
N CYS A 276 3.77 -21.12 4.97
CA CYS A 276 2.83 -20.18 5.58
C CYS A 276 3.35 -18.77 5.48
N VAL A 277 2.45 -17.83 5.20
CA VAL A 277 2.78 -16.41 5.11
C VAL A 277 1.84 -15.64 6.03
N VAL A 278 2.41 -14.85 6.92
CA VAL A 278 1.65 -14.02 7.84
C VAL A 278 1.64 -12.61 7.28
N SER A 279 0.45 -12.07 7.04
CA SER A 279 0.31 -10.76 6.43
C SER A 279 -1.09 -10.22 6.71
N GLY A 280 -1.38 -9.06 6.13
CA GLY A 280 -2.66 -8.42 6.36
C GLY A 280 -3.71 -8.86 5.36
N ASN A 281 -4.91 -9.13 5.87
CA ASN A 281 -6.06 -9.46 5.04
C ASN A 281 -6.86 -8.19 4.73
N GLU A 282 -7.96 -8.36 3.99
CA GLU A 282 -8.76 -7.22 3.57
C GLU A 282 -9.35 -6.43 4.73
N GLN A 283 -9.25 -6.94 5.97
CA GLN A 283 -9.67 -6.21 7.15
C GLN A 283 -8.50 -5.61 7.91
N GLY A 284 -7.30 -5.64 7.34
CA GLY A 284 -6.14 -5.12 8.05
C GLY A 284 -5.74 -5.94 9.26
N GLU A 285 -6.20 -7.19 9.33
CA GLU A 285 -5.91 -8.06 10.47
C GLU A 285 -4.73 -8.96 10.13
N ILE A 286 -3.91 -9.24 11.14
CA ILE A 286 -2.81 -10.19 10.97
C ILE A 286 -3.43 -11.57 10.76
N SER A 287 -3.09 -12.21 9.65
CA SER A 287 -3.68 -13.49 9.28
C SER A 287 -2.62 -14.35 8.61
N ILE A 288 -2.96 -15.63 8.47
CA ILE A 288 -2.06 -16.62 7.88
C ILE A 288 -2.65 -17.08 6.55
N SER A 289 -1.77 -17.43 5.63
CA SER A 289 -2.14 -18.06 4.37
C SER A 289 -1.21 -19.23 4.14
N ALA A 290 -1.78 -20.40 3.90
CA ALA A 290 -1.01 -21.64 3.73
C ALA A 290 -1.03 -22.05 2.27
N TYR A 291 0.12 -22.54 1.80
CA TYR A 291 0.30 -22.90 0.40
C TYR A 291 1.22 -24.10 0.30
N GLN A 292 1.25 -24.67 -0.90
CA GLN A 292 2.26 -25.65 -1.29
C GLN A 292 2.58 -25.46 -2.76
N MET A 293 3.85 -25.53 -3.10
CA MET A 293 4.23 -25.43 -4.51
C MET A 293 3.86 -26.71 -5.24
N SER A 294 3.31 -26.55 -6.44
CA SER A 294 2.92 -27.70 -7.24
C SER A 294 4.13 -28.60 -7.50
N ASN A 295 3.84 -29.88 -7.75
CA ASN A 295 4.92 -30.81 -8.10
C ASN A 295 5.59 -30.41 -9.41
N ASP A 296 4.82 -29.85 -10.36
CA ASP A 296 5.43 -29.31 -11.57
C ASP A 296 6.39 -28.18 -11.24
N ALA A 297 6.00 -27.28 -10.33
CA ALA A 297 6.89 -26.20 -9.93
C ALA A 297 8.16 -26.76 -9.29
N VAL A 298 8.01 -27.75 -8.42
CA VAL A 298 9.18 -28.35 -7.77
C VAL A 298 10.10 -28.96 -8.81
N GLU A 299 9.54 -29.66 -9.80
CA GLU A 299 10.38 -30.29 -10.81
C GLU A 299 11.06 -29.26 -11.69
N MET A 300 10.36 -28.16 -12.01
CA MET A 300 10.96 -27.13 -12.84
C MET A 300 12.09 -26.42 -12.12
N VAL A 301 11.95 -26.23 -10.81
CA VAL A 301 13.07 -25.70 -10.03
C VAL A 301 14.18 -26.73 -9.94
N ARG A 302 13.81 -28.01 -9.86
CA ARG A 302 14.79 -29.08 -9.88
C ARG A 302 15.56 -29.12 -11.19
N ALA A 303 14.90 -28.76 -12.29
CA ALA A 303 15.52 -28.77 -13.60
C ALA A 303 16.21 -27.46 -13.95
N ASP A 304 16.19 -26.48 -13.05
CA ASP A 304 16.77 -25.17 -13.30
C ASP A 304 16.25 -24.60 -14.61
N ILE A 305 14.92 -24.64 -14.76
CA ILE A 305 14.26 -24.24 -15.99
C ILE A 305 13.65 -22.85 -15.82
N ILE A 306 13.25 -22.52 -14.60
CA ILE A 306 12.56 -21.27 -14.32
C ILE A 306 13.39 -20.44 -13.37
N GLU A 307 13.04 -19.16 -13.28
CA GLU A 307 13.67 -18.25 -12.33
C GLU A 307 12.81 -16.99 -12.23
N PRO A 308 12.91 -16.25 -11.12
CA PRO A 308 12.03 -15.09 -10.95
C PRO A 308 12.36 -13.96 -11.92
N SER A 309 11.32 -13.22 -12.28
CA SER A 309 11.44 -12.03 -13.11
C SER A 309 11.38 -10.78 -12.23
N ALA A 310 11.63 -9.63 -12.86
CA ALA A 310 11.49 -8.36 -12.15
C ALA A 310 10.06 -8.10 -11.71
N ASP A 311 9.08 -8.82 -12.29
CA ASP A 311 7.71 -8.73 -11.86
C ASP A 311 7.39 -9.89 -10.94
N PRO A 312 7.06 -9.68 -9.66
CA PRO A 312 6.85 -10.81 -8.76
C PRO A 312 5.74 -11.74 -9.20
N THR A 313 4.84 -11.29 -10.07
CA THR A 313 3.74 -12.12 -10.55
C THR A 313 4.11 -12.94 -11.79
N LEU A 314 5.35 -12.85 -12.25
CA LEU A 314 5.76 -13.53 -13.47
C LEU A 314 7.05 -14.31 -13.25
N MET A 315 7.08 -15.52 -13.81
CA MET A 315 8.24 -16.40 -13.76
C MET A 315 8.83 -16.52 -15.16
N LEU A 316 10.15 -16.32 -15.26
CA LEU A 316 10.85 -16.49 -16.51
C LEU A 316 11.22 -17.95 -16.74
N VAL A 317 11.17 -18.38 -17.99
CA VAL A 317 11.79 -19.63 -18.41
C VAL A 317 13.19 -19.29 -18.90
N ARG A 318 14.20 -19.87 -18.26
CA ARG A 318 15.57 -19.52 -18.60
C ARG A 318 15.91 -19.97 -20.01
N GLU A 319 16.83 -19.24 -20.64
CA GLU A 319 17.23 -19.54 -22.01
C GLU A 319 18.46 -20.44 -22.02
N GLU A 320 18.73 -21.02 -23.19
CA GLU A 320 19.88 -21.90 -23.36
C GLU A 320 21.19 -21.14 -23.20
N THR A 330 24.48 -27.34 -19.22
CA THR A 330 24.28 -27.77 -17.84
C THR A 330 22.79 -27.91 -17.52
N ARG A 331 21.95 -27.66 -18.52
CA ARG A 331 20.50 -27.75 -18.35
C ARG A 331 19.88 -27.81 -19.74
N TYR A 332 18.64 -28.31 -19.79
CA TYR A 332 17.91 -28.43 -21.04
C TYR A 332 16.55 -27.77 -20.91
N ILE A 333 16.21 -26.91 -21.87
CA ILE A 333 14.95 -26.18 -21.85
C ILE A 333 14.02 -26.82 -22.89
N PRO A 334 13.03 -27.62 -22.48
CA PRO A 334 12.06 -28.15 -23.45
C PRO A 334 11.00 -27.12 -23.79
N GLU A 335 9.97 -27.54 -24.51
CA GLU A 335 8.80 -26.70 -24.70
C GLU A 335 8.06 -26.56 -23.38
N VAL A 336 7.58 -25.35 -23.11
CA VAL A 336 6.84 -25.05 -21.89
C VAL A 336 5.61 -24.27 -22.29
N PHE A 337 4.45 -24.93 -22.27
CA PHE A 337 3.18 -24.27 -22.44
C PHE A 337 2.47 -24.19 -21.11
N TYR A 338 1.53 -23.26 -21.02
CA TYR A 338 0.62 -23.20 -19.89
C TYR A 338 -0.78 -23.08 -20.45
N ARG A 339 -1.75 -23.62 -19.71
CA ARG A 339 -3.09 -23.80 -20.22
C ARG A 339 -4.04 -22.71 -19.74
N LYS A 340 -4.89 -22.25 -20.67
CA LYS A 340 -5.89 -21.24 -20.39
C LYS A 340 -7.19 -21.65 -21.05
N ILE A 341 -8.24 -20.86 -20.84
CA ILE A 341 -9.54 -21.06 -21.45
C ILE A 341 -9.95 -19.76 -22.10
N ASN A 342 -10.34 -19.83 -23.38
CA ASN A 342 -10.76 -18.63 -24.10
C ASN A 342 -12.21 -18.31 -23.79
N GLU A 343 -12.70 -17.20 -24.33
CA GLU A 343 -14.08 -16.79 -24.08
C GLU A 343 -15.08 -17.81 -24.64
N TYR A 344 -14.68 -18.58 -25.65
CA TYR A 344 -15.56 -19.59 -26.21
C TYR A 344 -15.63 -20.85 -25.35
N GLY A 345 -14.83 -20.94 -24.29
CA GLY A 345 -14.86 -22.09 -23.40
C GLY A 345 -13.91 -23.21 -23.78
N ALA A 346 -13.19 -23.09 -24.89
CA ALA A 346 -12.27 -24.14 -25.31
C ALA A 346 -10.94 -24.00 -24.58
N ASN A 347 -10.21 -25.11 -24.51
CA ASN A 347 -8.88 -25.10 -23.90
C ASN A 347 -7.85 -24.60 -24.89
N VAL A 348 -6.93 -23.76 -24.42
CA VAL A 348 -5.89 -23.17 -25.24
C VAL A 348 -4.55 -23.37 -24.56
N LEU A 349 -3.52 -23.68 -25.35
CA LEU A 349 -2.16 -23.81 -24.86
C LEU A 349 -1.38 -22.58 -25.31
N GLU A 350 -0.86 -21.83 -24.36
CA GLU A 350 -0.05 -20.66 -24.63
C GLU A 350 1.40 -20.98 -24.34
N ASN A 351 2.31 -20.30 -25.04
CA ASN A 351 3.73 -20.50 -24.81
C ASN A 351 4.14 -19.76 -23.55
N ALA A 352 4.57 -20.52 -22.54
CA ALA A 352 4.95 -19.93 -21.26
C ALA A 352 6.18 -19.05 -21.39
N LYS A 353 6.94 -19.20 -22.47
CA LYS A 353 8.11 -18.37 -22.69
C LYS A 353 7.70 -17.02 -23.27
N PRO A 354 8.42 -15.94 -22.92
CA PRO A 354 9.57 -15.89 -22.03
C PRO A 354 9.20 -15.80 -20.55
N ALA A 355 7.93 -15.52 -20.25
CA ALA A 355 7.48 -15.39 -18.87
C ALA A 355 6.01 -15.78 -18.78
N PHE A 356 5.63 -16.37 -17.65
CA PHE A 356 4.27 -16.84 -17.44
C PHE A 356 3.81 -16.49 -16.03
N PRO A 357 2.49 -16.45 -15.81
CA PRO A 357 1.99 -16.15 -14.47
C PRO A 357 2.37 -17.22 -13.44
N VAL A 358 2.54 -16.77 -12.21
CA VAL A 358 2.92 -17.66 -11.11
C VAL A 358 1.74 -18.43 -10.54
N GLU A 359 0.51 -18.00 -10.84
CA GLU A 359 -0.67 -18.64 -10.25
C GLU A 359 -0.71 -20.14 -10.50
N TYR A 360 -0.08 -20.62 -11.57
CA TYR A 360 -0.11 -22.04 -11.90
C TYR A 360 0.86 -22.88 -11.07
N LEU A 361 1.61 -22.27 -10.16
CA LEU A 361 2.72 -22.96 -9.51
C LEU A 361 2.45 -23.34 -8.06
N PHE A 362 1.29 -23.00 -7.50
CA PHE A 362 1.03 -23.34 -6.11
C PHE A 362 -0.45 -23.64 -5.91
N VAL A 363 -0.71 -24.31 -4.78
CA VAL A 363 -2.05 -24.65 -4.31
C VAL A 363 -2.21 -24.04 -2.93
N THR A 364 -3.46 -23.81 -2.55
CA THR A 364 -3.80 -23.16 -1.29
C THR A 364 -4.33 -24.20 -0.30
N LEU A 365 -3.98 -24.03 0.97
CA LEU A 365 -4.43 -24.89 2.06
C LEU A 365 -5.27 -24.06 3.03
N THR A 366 -6.16 -24.74 3.73
CA THR A 366 -6.87 -24.10 4.83
C THR A 366 -6.00 -24.15 6.09
N HIS A 367 -6.38 -23.36 7.09
CA HIS A 367 -5.60 -23.30 8.32
C HIS A 367 -6.53 -23.00 9.48
N GLY A 368 -6.04 -23.25 10.69
CA GLY A 368 -6.80 -22.90 11.87
C GLY A 368 -6.18 -23.43 13.13
N PHE A 369 -6.85 -23.10 14.24
CA PHE A 369 -6.51 -23.62 15.56
C PHE A 369 -7.53 -24.67 15.98
N PRO A 370 -7.12 -25.64 16.80
CA PRO A 370 -8.06 -26.70 17.19
C PRO A 370 -9.14 -26.18 18.12
N ASP A 371 -10.27 -26.89 18.12
CA ASP A 371 -11.40 -26.55 18.98
C ASP A 371 -10.94 -26.23 20.40
N SER A 372 -10.39 -27.24 21.10
CA SER A 372 -9.84 -27.05 22.44
C SER A 372 -8.35 -27.38 22.39
N PRO A 373 -7.47 -26.38 22.36
CA PRO A 373 -6.04 -26.67 22.20
C PRO A 373 -5.50 -27.49 23.36
N SER A 374 -4.71 -28.50 23.02
CA SER A 374 -3.98 -29.32 24.00
C SER A 374 -2.55 -29.46 23.49
N PRO A 375 -1.79 -28.37 23.49
CA PRO A 375 -0.48 -28.39 22.83
C PRO A 375 0.52 -29.28 23.55
N LEU A 376 1.54 -29.71 22.79
CA LEU A 376 2.62 -30.49 23.39
C LEU A 376 3.47 -29.63 24.31
N PHE A 377 3.84 -28.45 23.84
CA PHE A 377 4.68 -27.53 24.62
C PHE A 377 3.78 -26.49 25.27
N THR A 378 3.68 -26.55 26.61
CA THR A 378 2.76 -25.70 27.35
C THR A 378 3.45 -24.53 28.06
N ASP A 379 4.77 -24.58 28.22
CA ASP A 379 5.50 -23.60 29.01
C ASP A 379 6.27 -22.67 28.10
N ASN A 380 6.11 -21.37 28.31
CA ASN A 380 6.89 -20.33 27.66
C ASN A 380 7.83 -19.73 28.71
N ILE A 381 9.03 -20.30 28.81
CA ILE A 381 9.90 -20.03 29.94
C ILE A 381 11.36 -19.85 29.50
N PHE A 382 11.58 -19.74 28.20
CA PHE A 382 12.95 -19.67 27.69
C PHE A 382 13.02 -18.73 26.50
N PRO A 383 14.10 -17.94 26.37
CA PRO A 383 14.23 -17.07 25.19
C PRO A 383 14.39 -17.89 23.92
N ILE A 384 13.87 -17.33 22.83
CA ILE A 384 13.92 -18.02 21.54
C ILE A 384 15.26 -17.74 20.88
N GLU A 385 15.72 -18.71 20.09
CA GLU A 385 17.05 -18.67 19.51
C GLU A 385 17.18 -17.57 18.47
N ASN A 386 18.42 -17.19 18.21
CA ASN A 386 18.75 -16.27 17.12
C ASN A 386 17.99 -14.95 17.25
N ARG A 387 17.85 -14.48 18.49
CA ARG A 387 17.16 -13.22 18.76
C ARG A 387 18.08 -12.22 19.47
N GLU A 388 19.39 -12.34 19.28
CA GLU A 388 20.30 -11.35 19.85
C GLU A 388 19.98 -9.95 19.36
N TYR A 389 19.54 -9.83 18.09
CA TYR A 389 19.24 -8.53 17.51
C TYR A 389 18.07 -7.83 18.19
N VAL A 390 17.35 -8.51 19.10
CA VAL A 390 16.29 -7.89 19.87
C VAL A 390 16.59 -7.95 21.37
N GLY A 391 17.84 -8.19 21.73
CA GLY A 391 18.22 -8.22 23.13
C GLY A 391 17.76 -9.46 23.86
N GLU A 392 17.41 -10.51 23.12
CA GLU A 392 16.95 -11.77 23.70
C GLU A 392 18.02 -12.82 23.43
N ALA A 393 18.77 -13.18 24.47
CA ALA A 393 19.93 -14.06 24.34
C ALA A 393 19.70 -15.33 25.14
N GLN A 394 20.18 -16.45 24.61
CA GLN A 394 20.11 -17.73 25.30
C GLN A 394 21.38 -17.93 26.11
N GLU A 395 21.24 -18.05 27.43
CA GLU A 395 22.36 -18.24 28.33
C GLU A 395 22.04 -19.36 29.31
N VAL A 396 23.10 -19.92 29.91
CA VAL A 396 22.91 -20.96 30.92
C VAL A 396 22.11 -20.42 32.09
N SER A 397 22.24 -19.12 32.38
CA SER A 397 21.45 -18.53 33.45
C SER A 397 19.96 -18.58 33.13
N ALA A 398 19.59 -18.46 31.86
CA ALA A 398 18.20 -18.61 31.48
C ALA A 398 17.72 -20.04 31.73
N VAL A 399 18.59 -21.02 31.53
CA VAL A 399 18.23 -22.40 31.85
C VAL A 399 18.01 -22.55 33.35
N ALA A 400 18.95 -22.02 34.14
CA ALA A 400 18.82 -22.12 35.59
C ALA A 400 17.54 -21.45 36.08
N LYS A 401 17.17 -20.34 35.45
CA LYS A 401 15.92 -19.67 35.83
C LYS A 401 14.71 -20.50 35.42
N ALA A 402 14.70 -20.99 34.18
CA ALA A 402 13.56 -21.78 33.70
C ALA A 402 13.36 -23.04 34.53
N LEU A 403 14.46 -23.71 34.90
CA LEU A 403 14.39 -24.89 35.73
C LEU A 403 14.21 -24.58 37.21
N LYS A 404 14.09 -23.30 37.58
CA LYS A 404 13.86 -22.90 38.96
C LYS A 404 14.79 -23.67 39.90
N VAL A 405 16.09 -23.53 39.65
CA VAL A 405 17.09 -24.39 40.27
C VAL A 405 17.35 -24.04 41.72
N HIS A 406 17.00 -22.84 42.17
CA HIS A 406 17.20 -22.45 43.56
C HIS A 406 15.91 -22.49 44.37
N GLU A 407 14.78 -22.79 43.75
CA GLU A 407 13.49 -22.91 44.43
C GLU A 407 13.11 -24.38 44.43
N ALA A 408 13.68 -25.13 45.39
CA ALA A 408 13.50 -26.57 45.42
C ALA A 408 12.04 -26.97 45.49
N ASP A 409 11.19 -26.13 46.06
CA ASP A 409 9.79 -26.43 46.27
C ASP A 409 8.92 -26.19 45.03
N ALA A 410 9.50 -26.11 43.83
CA ALA A 410 8.66 -25.80 42.67
C ALA A 410 8.45 -27.01 41.77
N PRO A 411 7.36 -27.05 41.01
CA PRO A 411 7.13 -28.15 40.07
C PRO A 411 7.94 -28.01 38.78
N MET A 412 8.25 -29.16 38.19
CA MET A 412 9.02 -29.19 36.95
C MET A 412 8.25 -28.50 35.83
N ASN A 413 8.97 -27.67 35.05
CA ASN A 413 8.40 -26.96 33.90
C ASN A 413 9.45 -26.99 32.79
N VAL A 414 9.40 -28.02 31.94
CA VAL A 414 10.38 -28.17 30.87
C VAL A 414 9.70 -28.34 29.53
N SER A 415 8.44 -27.90 29.42
CA SER A 415 7.66 -28.10 28.20
C SER A 415 7.85 -26.90 27.26
N ASP A 416 9.09 -26.77 26.78
CA ASP A 416 9.45 -25.66 25.89
C ASP A 416 10.49 -26.17 24.91
N PHE A 417 10.16 -26.11 23.61
CA PHE A 417 11.01 -26.70 22.59
C PHE A 417 12.37 -25.99 22.53
N HIS A 418 12.39 -24.68 22.72
CA HIS A 418 13.64 -23.93 22.65
C HIS A 418 14.55 -24.27 23.83
N LEU A 419 13.96 -24.42 25.02
CA LEU A 419 14.71 -24.91 26.16
C LEU A 419 15.32 -26.28 25.87
N LEU A 420 14.54 -27.17 25.27
CA LEU A 420 15.06 -28.49 24.93
C LEU A 420 16.22 -28.41 23.97
N CYS A 421 16.11 -27.54 22.95
CA CYS A 421 17.20 -27.39 22.00
C CYS A 421 18.45 -26.86 22.69
N PHE A 422 18.30 -25.86 23.56
CA PHE A 422 19.47 -25.32 24.27
C PHE A 422 20.12 -26.39 25.14
N ILE A 423 19.30 -27.16 25.87
CA ILE A 423 19.85 -28.21 26.72
C ILE A 423 20.59 -29.24 25.87
N HIS A 424 19.99 -29.64 24.75
CA HIS A 424 20.70 -30.50 23.81
C HIS A 424 22.05 -29.90 23.44
N GLN A 425 22.08 -28.60 23.20
CA GLN A 425 23.35 -27.94 22.87
C GLN A 425 24.35 -28.09 24.00
N MET A 426 23.89 -27.99 25.25
CA MET A 426 24.82 -28.10 26.37
C MET A 426 25.52 -29.45 26.41
N SER A 427 24.90 -30.49 25.84
CA SER A 427 25.51 -31.81 25.75
C SER A 427 25.90 -32.34 27.12
N VAL A 428 24.89 -32.43 27.99
CA VAL A 428 25.06 -32.96 29.34
C VAL A 428 24.31 -34.27 29.51
N LEU A 429 23.08 -34.35 29.03
CA LEU A 429 22.29 -35.57 29.15
C LEU A 429 22.64 -36.54 28.04
N SER A 430 22.64 -37.83 28.38
CA SER A 430 22.85 -38.86 27.38
C SER A 430 21.62 -38.98 26.48
N LYS A 431 21.73 -39.81 25.44
CA LYS A 431 20.63 -40.00 24.52
C LYS A 431 19.39 -40.53 25.23
N GLU A 432 19.57 -41.48 26.15
CA GLU A 432 18.43 -42.01 26.89
C GLU A 432 17.85 -40.95 27.83
N GLU A 433 18.72 -40.23 28.54
CA GLU A 433 18.25 -39.19 29.44
C GLU A 433 17.55 -38.07 28.69
N GLU A 434 18.10 -37.66 27.54
CA GLU A 434 17.47 -36.62 26.75
C GLU A 434 16.14 -37.09 26.16
N ALA A 435 16.08 -38.35 25.73
CA ALA A 435 14.82 -38.89 25.25
C ALA A 435 13.77 -38.85 26.35
N LEU A 436 14.15 -39.24 27.58
CA LEU A 436 13.21 -39.17 28.70
C LEU A 436 12.79 -37.73 28.97
N LEU A 437 13.73 -36.79 28.88
CA LEU A 437 13.39 -35.38 29.10
C LEU A 437 12.36 -34.90 28.08
N CYS A 438 12.58 -35.22 26.80
CA CYS A 438 11.64 -34.79 25.78
C CYS A 438 10.29 -35.48 25.94
N ARG A 439 10.30 -36.75 26.36
CA ARG A 439 9.04 -37.44 26.61
C ARG A 439 8.26 -36.78 27.74
N VAL A 440 8.97 -36.33 28.78
CA VAL A 440 8.32 -35.62 29.88
C VAL A 440 7.80 -34.28 29.40
N ALA A 441 8.56 -33.60 28.54
CA ALA A 441 8.15 -32.29 28.05
C ALA A 441 6.91 -32.38 27.19
N THR A 442 6.79 -33.43 26.38
CA THR A 442 5.70 -33.53 25.42
C THR A 442 4.47 -34.26 25.97
N LEU A 443 4.65 -35.26 26.83
CA LEU A 443 3.54 -36.04 27.36
C LEU A 443 3.16 -35.67 28.78
N HIS A 444 4.09 -35.11 29.56
CA HIS A 444 3.78 -34.56 30.88
C HIS A 444 3.33 -35.65 31.85
N ASP A 445 4.04 -36.77 31.87
CA ASP A 445 3.73 -37.85 32.79
C ASP A 445 4.52 -37.65 34.07
N LEU A 446 3.80 -37.55 35.19
CA LEU A 446 4.45 -37.23 36.46
C LEU A 446 5.45 -38.31 36.86
N ALA A 447 5.08 -39.59 36.69
CA ALA A 447 6.00 -40.67 37.01
C ALA A 447 7.29 -40.56 36.20
N GLU A 448 7.19 -40.21 34.91
CA GLU A 448 8.39 -40.06 34.09
C GLU A 448 9.19 -38.83 34.51
N SER A 449 8.52 -37.78 34.98
CA SER A 449 9.26 -36.62 35.51
C SER A 449 10.07 -37.03 36.73
N PHE A 450 9.45 -37.80 37.64
CA PHE A 450 10.19 -38.31 38.79
C PHE A 450 11.37 -39.15 38.34
N GLN A 451 11.15 -40.07 37.39
CA GLN A 451 12.24 -40.90 36.89
C GLN A 451 13.36 -40.04 36.33
N LEU A 452 13.01 -38.97 35.60
CA LEU A 452 14.02 -38.06 35.07
C LEU A 452 14.81 -37.41 36.21
N ARG A 453 14.12 -36.97 37.25
CA ARG A 453 14.79 -36.36 38.39
C ARG A 453 15.77 -37.32 39.07
N SER A 454 15.60 -38.62 38.87
CA SER A 454 16.49 -39.62 39.47
C SER A 454 17.73 -39.89 38.64
N THR A 455 17.78 -39.42 37.39
CA THR A 455 18.90 -39.74 36.51
C THR A 455 20.16 -38.99 36.94
N THR A 456 21.32 -39.56 36.58
CA THR A 456 22.59 -38.93 36.89
C THR A 456 22.82 -37.68 36.04
N GLY A 457 22.42 -37.74 34.77
CA GLY A 457 22.58 -36.59 33.89
C GLY A 457 21.80 -35.38 34.38
N TRP A 458 20.59 -35.61 34.89
CA TRP A 458 19.79 -34.52 35.44
C TRP A 458 20.50 -33.85 36.60
N GLN A 459 21.08 -34.65 37.50
CA GLN A 459 21.77 -34.09 38.65
C GLN A 459 23.05 -33.37 38.24
N THR A 460 23.75 -33.89 37.23
CA THR A 460 24.90 -33.19 36.69
C THR A 460 24.50 -31.84 36.12
N LEU A 461 23.41 -31.81 35.35
CA LEU A 461 22.93 -30.54 34.81
C LEU A 461 22.59 -29.57 35.93
N HIS A 462 21.97 -30.05 36.99
CA HIS A 462 21.57 -29.14 38.07
C HIS A 462 22.78 -28.63 38.85
N MET A 463 23.78 -29.48 39.09
CA MET A 463 24.99 -28.98 39.73
C MET A 463 25.66 -27.93 38.86
N ILE A 464 25.72 -28.17 37.55
CA ILE A 464 26.26 -27.16 36.63
C ILE A 464 25.50 -25.84 36.77
N LEU A 465 24.17 -25.92 36.72
CA LEU A 465 23.34 -24.72 36.75
C LEU A 465 23.46 -23.97 38.07
N GLN A 466 23.64 -24.69 39.18
CA GLN A 466 23.71 -24.04 40.48
C GLN A 466 24.93 -23.15 40.64
N SER A 467 25.96 -23.32 39.83
CA SER A 467 27.20 -22.55 39.95
C SER A 467 27.28 -21.45 38.90
N THR A 468 26.22 -20.65 38.79
CA THR A 468 26.24 -19.49 37.90
C THR A 468 25.58 -18.29 38.57
N PRO B 4 17.67 26.88 8.46
CA PRO B 4 16.73 27.38 7.45
C PRO B 4 15.40 27.83 8.06
N TRP B 5 14.90 27.03 9.00
CA TRP B 5 13.63 27.30 9.67
C TRP B 5 13.73 28.42 10.72
N GLU B 6 14.88 29.08 10.83
CA GLU B 6 15.03 30.23 11.72
C GLU B 6 14.94 31.55 10.97
N VAL B 7 15.28 31.57 9.67
CA VAL B 7 15.35 32.80 8.90
C VAL B 7 14.10 33.08 8.10
N VAL B 8 13.18 32.12 7.99
CA VAL B 8 12.00 32.28 7.14
C VAL B 8 11.00 33.20 7.84
N ARG B 9 10.32 34.02 7.04
CA ARG B 9 9.28 34.92 7.51
C ARG B 9 7.94 34.40 6.99
N GLN B 10 7.08 33.96 7.90
CA GLN B 10 5.76 33.49 7.54
C GLN B 10 4.82 34.66 7.28
N SER B 11 3.65 34.35 6.72
CA SER B 11 2.62 35.35 6.55
C SER B 11 2.03 35.70 7.92
N PRO B 12 1.43 36.89 8.05
CA PRO B 12 0.70 37.19 9.30
C PRO B 12 -0.37 36.16 9.62
N LEU B 13 -1.04 35.62 8.60
CA LEU B 13 -2.08 34.62 8.83
C LEU B 13 -1.52 33.39 9.51
N ASP B 14 -0.39 32.88 9.00
CA ASP B 14 0.22 31.69 9.60
C ASP B 14 0.71 32.00 11.02
N ASP B 15 1.24 33.20 11.24
CA ASP B 15 1.66 33.58 12.58
C ASP B 15 0.49 33.59 13.55
N ARG B 16 -0.66 34.10 13.11
CA ARG B 16 -1.85 34.07 13.96
C ARG B 16 -2.28 32.64 14.24
N LEU B 17 -2.32 31.80 13.19
CA LEU B 17 -2.84 30.45 13.37
C LEU B 17 -1.91 29.59 14.20
N ASP B 18 -0.62 29.90 14.21
CA ASP B 18 0.31 29.15 15.06
C ASP B 18 -0.06 29.26 16.53
N LYS B 19 -0.67 30.38 16.93
CA LYS B 19 -0.96 30.65 18.34
C LYS B 19 -2.28 30.06 18.81
N LEU B 20 -3.11 29.53 17.92
CA LEU B 20 -4.41 28.98 18.29
C LEU B 20 -4.34 27.47 18.42
N ASP B 21 -5.03 26.92 19.43
CA ASP B 21 -5.16 25.48 19.56
C ASP B 21 -6.36 24.92 18.83
N GLY B 22 -7.36 25.76 18.53
CA GLY B 22 -8.51 25.34 17.75
C GLY B 22 -9.42 24.35 18.40
N LYS B 23 -9.27 24.10 19.71
CA LYS B 23 -10.09 23.09 20.37
C LYS B 23 -11.56 23.48 20.38
N ILE B 24 -12.42 22.52 20.09
CA ILE B 24 -13.86 22.74 19.99
C ILE B 24 -14.48 22.48 21.36
N PRO B 25 -15.07 23.48 22.01
CA PRO B 25 -15.73 23.23 23.30
C PRO B 25 -16.96 22.33 23.16
N ARG B 26 -17.32 21.71 24.27
CA ARG B 26 -18.48 20.81 24.32
C ARG B 26 -19.22 20.99 25.64
N LYS B 27 -20.50 20.65 25.61
CA LYS B 27 -21.35 20.66 26.80
C LYS B 27 -21.46 19.25 27.38
N ARG B 28 -22.09 19.16 28.55
CA ARG B 28 -22.41 17.87 29.12
C ARG B 28 -23.30 17.08 28.17
N GLY B 29 -23.08 15.77 28.11
CA GLY B 29 -23.84 14.93 27.21
C GLY B 29 -24.68 13.88 27.91
N ALA B 30 -25.26 12.96 27.12
CA ALA B 30 -26.10 11.91 27.70
C ALA B 30 -25.28 10.94 28.53
N MET B 31 -23.99 10.80 28.25
CA MET B 31 -23.13 9.86 28.95
C MET B 31 -22.41 10.49 30.14
N CYS B 32 -22.53 11.80 30.33
CA CYS B 32 -21.89 12.44 31.47
C CYS B 32 -22.58 12.04 32.76
N ARG B 33 -21.77 11.73 33.78
CA ARG B 33 -22.25 11.37 35.11
C ARG B 33 -21.52 12.25 36.12
N HIS B 34 -21.80 13.54 36.08
CA HIS B 34 -21.21 14.50 37.01
C HIS B 34 -22.08 15.75 37.03
N GLY B 35 -21.76 16.66 37.94
CA GLY B 35 -22.57 17.83 38.15
C GLY B 35 -22.46 18.80 37.00
N PRO B 36 -23.23 19.90 37.09
CA PRO B 36 -23.22 20.90 36.00
C PRO B 36 -21.87 21.57 35.83
N LYS B 37 -20.92 21.39 36.75
CA LYS B 37 -19.61 22.01 36.66
C LYS B 37 -18.49 20.99 36.75
N GLY B 38 -18.78 19.70 36.60
CA GLY B 38 -17.76 18.68 36.46
C GLY B 38 -17.32 18.50 35.03
N MET B 39 -16.50 17.46 34.81
CA MET B 39 -16.01 17.15 33.47
C MET B 39 -15.66 15.67 33.40
N CYS B 40 -15.86 15.09 32.22
CA CYS B 40 -15.48 13.72 31.94
C CYS B 40 -15.06 13.63 30.47
N ASP B 41 -14.71 12.43 30.03
CA ASP B 41 -14.25 12.23 28.67
C ASP B 41 -15.32 12.54 27.63
N TYR B 42 -16.59 12.66 28.03
CA TYR B 42 -17.67 12.89 27.08
C TYR B 42 -17.99 14.37 26.90
N CYS B 43 -17.48 15.25 27.76
CA CYS B 43 -17.70 16.69 27.64
C CYS B 43 -16.39 17.47 27.58
N THR B 44 -15.26 16.78 27.38
CA THR B 44 -14.00 17.48 27.21
C THR B 44 -13.97 18.15 25.83
N PRO B 45 -13.31 19.30 25.71
CA PRO B 45 -13.18 19.92 24.39
C PRO B 45 -12.48 19.00 23.41
N LEU B 46 -12.86 19.11 22.14
CA LEU B 46 -12.30 18.28 21.08
C LEU B 46 -11.12 18.97 20.42
N ASP B 47 -10.22 18.16 19.87
CA ASP B 47 -9.11 18.68 19.09
C ASP B 47 -9.59 19.14 17.72
N PRO B 48 -8.86 20.04 17.07
CA PRO B 48 -9.25 20.46 15.72
C PRO B 48 -9.27 19.32 14.71
N PHE B 49 -8.60 18.22 15.02
CA PHE B 49 -8.47 17.09 14.10
C PHE B 49 -9.30 15.90 14.53
N ASN B 50 -10.24 16.07 15.47
CA ASN B 50 -11.06 14.98 15.95
C ASN B 50 -11.76 14.30 14.77
N PRO B 51 -11.43 13.04 14.47
CA PRO B 51 -12.05 12.42 13.28
C PRO B 51 -13.56 12.39 13.31
N GLN B 52 -14.16 12.12 14.47
CA GLN B 52 -15.61 12.08 14.56
C GLN B 52 -16.23 13.45 14.32
N TYR B 53 -15.60 14.52 14.85
CA TYR B 53 -16.13 15.86 14.63
C TYR B 53 -16.10 16.23 13.16
N LEU B 54 -14.98 15.96 12.50
CA LEU B 54 -14.89 16.26 11.07
C LEU B 54 -15.87 15.42 10.26
N GLU B 55 -16.05 14.15 10.65
CA GLU B 55 -17.01 13.30 9.97
C GLU B 55 -18.43 13.86 10.12
N GLU B 56 -18.79 14.31 11.31
CA GLU B 56 -20.14 14.81 11.54
C GLU B 56 -20.37 16.12 10.79
N LYS B 57 -19.34 16.95 10.63
CA LYS B 57 -19.46 18.21 9.91
C LYS B 57 -19.18 18.08 8.42
N LYS B 58 -19.02 16.84 7.93
CA LYS B 58 -18.76 16.61 6.50
C LYS B 58 -17.52 17.38 6.03
N ILE B 59 -16.47 17.34 6.83
CA ILE B 59 -15.19 17.95 6.48
C ILE B 59 -14.27 16.83 6.02
N LYS B 60 -13.98 16.80 4.71
CA LYS B 60 -13.26 15.67 4.13
C LYS B 60 -11.78 15.70 4.49
N TYR B 61 -11.21 16.89 4.69
CA TYR B 61 -9.80 17.03 5.05
C TYR B 61 -9.69 18.01 6.21
N MET B 62 -8.73 17.76 7.09
CA MET B 62 -8.43 18.72 8.15
C MET B 62 -7.48 19.80 7.63
N SER B 63 -7.59 20.99 8.21
CA SER B 63 -6.70 22.07 7.84
C SER B 63 -5.25 21.67 8.15
N VAL B 64 -4.32 22.26 7.40
CA VAL B 64 -2.91 21.95 7.60
C VAL B 64 -2.48 22.31 9.01
N HIS B 65 -3.07 23.35 9.61
CA HIS B 65 -2.73 23.71 10.98
C HIS B 65 -3.23 22.68 11.98
N ALA B 66 -4.47 22.20 11.80
CA ALA B 66 -4.96 21.11 12.64
C ALA B 66 -4.10 19.87 12.49
N TYR B 67 -3.68 19.58 11.25
CA TYR B 67 -2.78 18.46 11.01
C TYR B 67 -1.46 18.64 11.77
N MET B 68 -0.93 19.86 11.75
CA MET B 68 0.31 20.14 12.49
C MET B 68 0.11 19.92 13.98
N ARG B 69 -0.99 20.43 14.54
CA ARG B 69 -1.32 20.15 15.93
C ARG B 69 -1.36 18.65 16.19
N LYS B 70 -1.90 17.90 15.23
CA LYS B 70 -2.05 16.45 15.40
C LYS B 70 -0.69 15.75 15.46
N ILE B 71 0.20 16.09 14.52
CA ILE B 71 1.46 15.33 14.40
C ILE B 71 2.61 15.91 15.21
N ASN B 72 2.42 17.06 15.86
CA ASN B 72 3.51 17.74 16.55
C ASN B 72 3.15 17.99 18.01
N SER B 73 4.10 17.74 18.89
CA SER B 73 3.93 18.11 20.29
C SER B 73 3.95 19.63 20.43
N ALA B 74 2.99 20.16 21.18
CA ALA B 74 2.84 21.62 21.26
C ALA B 74 4.04 22.31 21.87
N THR B 75 4.88 21.58 22.63
CA THR B 75 6.06 22.19 23.23
C THR B 75 7.15 22.42 22.20
N ASN B 76 7.22 21.57 21.17
CA ASN B 76 8.21 21.71 20.11
C ASN B 76 7.83 22.90 19.24
N ARG B 77 8.42 24.06 19.52
CA ARG B 77 8.12 25.29 18.81
C ARG B 77 9.41 25.93 18.31
N PRO B 78 9.32 26.78 17.29
CA PRO B 78 10.53 27.50 16.84
C PRO B 78 11.13 28.37 17.93
N GLU B 79 10.31 28.82 18.89
CA GLU B 79 10.82 29.68 19.95
C GLU B 79 11.93 28.99 20.74
N LEU B 80 11.91 27.65 20.80
CA LEU B 80 12.97 26.93 21.49
C LEU B 80 14.33 27.25 20.88
N GLY B 81 14.40 27.34 19.56
CA GLY B 81 15.63 27.74 18.89
C GLY B 81 16.45 26.52 18.44
N SER B 82 17.61 26.32 19.07
CA SER B 82 18.51 25.24 18.69
C SER B 82 17.93 23.86 19.02
N SER B 83 17.01 23.78 19.97
CA SER B 83 16.37 22.53 20.33
C SER B 83 15.14 22.23 19.49
N PHE B 84 14.75 23.14 18.60
CA PHE B 84 13.55 22.94 17.80
C PHE B 84 13.77 21.86 16.75
N ILE B 85 12.82 20.95 16.62
CA ILE B 85 12.84 19.92 15.59
C ILE B 85 11.66 20.16 14.66
N PRO B 86 11.87 20.65 13.43
CA PRO B 86 10.73 20.92 12.54
C PRO B 86 9.90 19.67 12.31
N PRO B 87 8.60 19.70 12.62
CA PRO B 87 7.78 18.50 12.44
C PRO B 87 7.39 18.25 10.99
N LEU B 88 7.43 19.26 10.13
CA LEU B 88 7.03 19.11 8.74
C LEU B 88 8.25 18.79 7.88
N VAL B 89 8.12 17.77 7.04
CA VAL B 89 9.16 17.40 6.09
C VAL B 89 8.55 17.44 4.69
N GLU B 90 9.05 18.34 3.86
CA GLU B 90 8.53 18.46 2.51
C GLU B 90 9.00 17.27 1.68
N PRO B 91 8.12 16.68 0.85
CA PRO B 91 8.55 15.53 0.05
C PRO B 91 9.74 15.87 -0.84
N TYR B 92 10.71 14.95 -0.87
CA TYR B 92 11.89 15.07 -1.72
C TYR B 92 12.13 13.73 -2.37
N TYR B 93 11.75 13.60 -3.64
CA TYR B 93 11.87 12.37 -4.40
C TYR B 93 12.95 12.45 -5.47
N ARG B 94 13.93 13.33 -5.27
CA ARG B 94 15.01 13.51 -6.21
C ARG B 94 16.32 13.01 -5.61
N VAL B 95 17.34 12.97 -6.46
CA VAL B 95 18.69 12.60 -6.03
C VAL B 95 19.23 13.66 -5.07
N LYS B 96 19.97 13.21 -4.07
CA LYS B 96 20.53 14.11 -3.08
C LYS B 96 21.64 14.95 -3.67
N ARG B 97 21.88 16.12 -3.06
CA ARG B 97 22.79 17.11 -3.60
C ARG B 97 24.22 16.88 -3.13
N ASP B 98 24.56 17.37 -1.92
CA ASP B 98 25.90 17.21 -1.38
C ASP B 98 26.16 15.77 -0.97
N CYS B 99 26.24 14.86 -1.94
CA CYS B 99 26.48 13.46 -1.65
C CYS B 99 27.96 13.24 -1.33
N PRO B 100 28.32 12.88 -0.08
CA PRO B 100 29.72 12.61 0.27
C PRO B 100 30.10 11.14 0.11
N SER B 101 29.76 10.57 -1.05
CA SER B 101 30.04 9.16 -1.32
C SER B 101 31.33 8.94 -2.11
N GLY B 102 31.72 9.89 -2.95
CA GLY B 102 32.94 9.76 -3.73
C GLY B 102 32.68 9.80 -5.21
N HIS B 103 31.60 9.16 -5.67
CA HIS B 103 31.26 9.19 -7.07
C HIS B 103 30.87 10.59 -7.50
N PRO B 104 30.96 10.89 -8.80
CA PRO B 104 30.52 12.21 -9.28
C PRO B 104 29.03 12.40 -9.06
N GLN B 105 28.58 13.64 -9.25
CA GLN B 105 27.18 13.98 -9.02
C GLN B 105 26.25 13.18 -9.92
N TRP B 106 24.95 13.36 -9.73
CA TRP B 106 23.90 12.47 -10.22
C TRP B 106 24.14 11.94 -11.64
N PRO B 107 24.18 12.79 -12.67
CA PRO B 107 24.20 12.25 -14.04
C PRO B 107 25.33 11.25 -14.28
N GLU B 108 26.40 11.35 -13.49
CA GLU B 108 27.56 10.48 -13.63
C GLU B 108 27.68 9.65 -12.34
N GLY B 109 27.05 8.50 -12.32
CA GLY B 109 27.09 7.62 -11.17
C GLY B 109 26.04 7.98 -10.13
N ILE B 110 25.80 7.02 -9.23
CA ILE B 110 24.81 7.17 -8.18
C ILE B 110 24.99 6.03 -7.18
N CYS B 111 25.07 6.35 -5.90
CA CYS B 111 25.17 5.35 -4.85
C CYS B 111 23.84 5.21 -4.12
N THR B 112 23.77 4.18 -3.27
CA THR B 112 22.54 3.90 -2.55
C THR B 112 22.19 5.00 -1.56
N LYS B 113 23.17 5.81 -1.15
CA LYS B 113 22.96 6.82 -0.12
C LYS B 113 22.36 8.10 -0.69
N CYS B 114 22.50 8.35 -1.99
CA CYS B 114 21.91 9.54 -2.61
C CYS B 114 20.71 9.23 -3.48
N GLN B 115 20.42 7.96 -3.74
CA GLN B 115 19.24 7.62 -4.52
C GLN B 115 17.99 7.76 -3.64
N PRO B 116 16.87 8.19 -4.21
CA PRO B 116 15.64 8.28 -3.42
C PRO B 116 15.08 6.91 -3.09
N SER B 117 14.46 6.82 -1.92
CA SER B 117 13.82 5.58 -1.50
C SER B 117 12.56 5.35 -2.32
N ALA B 118 11.99 4.15 -2.19
CA ALA B 118 10.76 3.85 -2.89
C ALA B 118 9.65 4.76 -2.39
N ILE B 119 8.90 5.34 -3.32
CA ILE B 119 7.84 6.27 -2.99
C ILE B 119 6.58 5.49 -2.62
N THR B 120 5.89 5.95 -1.59
CA THR B 120 4.60 5.40 -1.18
C THR B 120 3.63 6.56 -1.02
N LEU B 121 2.77 6.76 -2.01
CA LEU B 121 1.77 7.81 -1.99
C LEU B 121 0.68 7.44 -1.00
N GLN B 122 0.57 8.19 0.07
CA GLN B 122 -0.51 7.97 1.00
C GLN B 122 -1.57 9.05 0.81
N PRO B 123 -2.84 8.77 1.13
CA PRO B 123 -3.86 9.80 0.95
C PRO B 123 -3.58 10.99 1.85
N GLN B 124 -3.55 12.16 1.25
CA GLN B 124 -3.22 13.35 2.02
C GLN B 124 -4.36 13.68 2.97
N PRO B 125 -4.14 13.66 4.28
CA PRO B 125 -5.24 13.93 5.22
C PRO B 125 -5.50 15.41 5.47
N PHE B 126 -4.67 16.29 4.92
CA PHE B 126 -4.79 17.72 5.14
C PHE B 126 -4.82 18.45 3.81
N ARG B 127 -5.24 19.72 3.86
CA ARG B 127 -5.17 20.60 2.71
C ARG B 127 -4.62 21.94 3.15
N MET B 128 -3.71 22.50 2.34
CA MET B 128 -3.10 23.78 2.67
C MET B 128 -4.15 24.87 2.79
N VAL B 129 -5.05 24.95 1.80
CA VAL B 129 -6.17 25.87 1.81
C VAL B 129 -7.45 25.05 1.85
N ASP B 130 -8.44 25.54 2.59
CA ASP B 130 -9.68 24.81 2.80
C ASP B 130 -10.85 25.32 1.99
N HIS B 131 -10.89 26.63 1.68
CA HIS B 131 -12.05 27.23 1.06
C HIS B 131 -11.61 28.22 -0.01
N VAL B 132 -12.47 28.41 -1.01
CA VAL B 132 -12.27 29.44 -2.04
C VAL B 132 -13.51 30.32 -2.06
N GLU B 133 -13.36 31.55 -1.58
CA GLU B 133 -14.46 32.50 -1.55
C GLU B 133 -14.25 33.52 -2.66
N PHE B 134 -15.24 33.64 -3.54
CA PHE B 134 -15.21 34.65 -4.59
C PHE B 134 -15.95 35.89 -4.09
N ALA B 135 -15.23 37.02 -4.07
CA ALA B 135 -15.77 38.23 -3.47
C ALA B 135 -17.09 38.66 -4.10
N SER B 136 -17.36 38.25 -5.34
CA SER B 136 -18.60 38.64 -6.00
C SER B 136 -18.88 37.72 -7.17
N PRO B 137 -20.14 37.37 -7.45
CA PRO B 137 -20.42 36.60 -8.67
C PRO B 137 -20.12 37.37 -9.95
N GLN B 138 -20.14 38.70 -9.90
CA GLN B 138 -19.81 39.49 -11.09
C GLN B 138 -18.41 39.14 -11.60
N ILE B 139 -17.50 38.78 -10.71
CA ILE B 139 -16.16 38.37 -11.14
C ILE B 139 -16.27 37.17 -12.08
N ILE B 140 -16.98 36.12 -11.64
CA ILE B 140 -17.11 34.92 -12.45
C ILE B 140 -17.86 35.22 -13.73
N ASP B 141 -18.88 36.08 -13.66
CA ASP B 141 -19.65 36.38 -14.87
C ASP B 141 -18.79 37.12 -15.90
N ARG B 142 -18.06 38.13 -15.45
CA ARG B 142 -17.15 38.86 -16.34
C ARG B 142 -16.11 37.91 -16.93
N PHE B 143 -15.60 36.97 -16.13
CA PHE B 143 -14.64 36.00 -16.64
C PHE B 143 -15.29 35.13 -17.73
N LEU B 144 -16.44 34.55 -17.43
CA LEU B 144 -17.08 33.62 -18.35
C LEU B 144 -17.62 34.31 -19.59
N ASP B 145 -17.75 35.64 -19.58
CA ASP B 145 -18.13 36.34 -20.80
C ASP B 145 -17.24 35.94 -21.96
N ALA B 146 -15.95 35.71 -21.69
CA ALA B 146 -15.04 35.27 -22.74
C ALA B 146 -15.57 34.03 -23.45
N TRP B 147 -16.02 33.04 -22.68
CA TRP B 147 -16.56 31.82 -23.28
C TRP B 147 -17.92 32.06 -23.90
N ARG B 148 -18.77 32.85 -23.25
CA ARG B 148 -20.10 33.11 -23.78
C ARG B 148 -20.05 33.67 -25.20
N ARG B 149 -19.03 34.48 -25.52
CA ARG B 149 -18.94 35.18 -26.78
C ARG B 149 -18.11 34.44 -27.83
N THR B 150 -17.60 33.27 -27.50
CA THR B 150 -16.72 32.52 -28.40
C THR B 150 -17.05 31.04 -28.50
N GLY B 151 -17.58 30.41 -27.47
CA GLY B 151 -17.79 28.97 -27.45
C GLY B 151 -16.53 28.16 -27.17
N VAL B 152 -15.42 28.82 -26.90
CA VAL B 152 -14.18 28.15 -26.56
C VAL B 152 -13.84 28.45 -25.11
N GLN B 153 -12.96 27.63 -24.55
CA GLN B 153 -12.63 27.71 -23.13
C GLN B 153 -11.82 28.97 -22.85
N ARG B 154 -11.51 29.17 -21.57
CA ARG B 154 -10.81 30.36 -21.14
C ARG B 154 -10.10 30.08 -19.82
N LEU B 155 -8.94 30.68 -19.64
CA LEU B 155 -8.14 30.53 -18.43
C LEU B 155 -7.84 31.90 -17.83
N GLY B 156 -7.82 31.95 -16.50
CA GLY B 156 -7.51 33.18 -15.80
C GLY B 156 -6.70 32.88 -14.54
N ILE B 157 -6.01 33.91 -14.08
CA ILE B 157 -5.21 33.85 -12.86
C ILE B 157 -5.98 34.56 -11.75
N LEU B 158 -6.17 33.88 -10.63
CA LEU B 158 -6.91 34.43 -9.51
C LEU B 158 -5.99 35.32 -8.68
N TYR B 159 -6.36 36.59 -8.53
CA TYR B 159 -5.67 37.51 -7.65
C TYR B 159 -6.54 37.74 -6.42
N GLY B 160 -5.92 37.69 -5.25
CA GLY B 160 -6.66 37.83 -4.01
C GLY B 160 -5.77 37.75 -2.79
N ARG B 161 -6.32 37.21 -1.69
CA ARG B 161 -5.56 37.13 -0.45
C ARG B 161 -6.09 35.98 0.39
N TYR B 162 -5.30 35.58 1.39
CA TYR B 162 -5.64 34.43 2.23
C TYR B 162 -6.09 34.92 3.60
N LEU B 163 -7.17 34.33 4.09
CA LEU B 163 -7.77 34.72 5.37
C LEU B 163 -8.16 33.49 6.16
N GLU B 164 -8.48 33.72 7.43
CA GLU B 164 -9.02 32.66 8.28
C GLU B 164 -10.40 32.25 7.79
N TYR B 165 -10.64 30.95 7.76
CA TYR B 165 -11.94 30.38 7.42
C TYR B 165 -12.50 29.76 8.69
N ASP B 166 -13.56 30.36 9.22
CA ASP B 166 -14.04 29.99 10.55
C ASP B 166 -14.91 28.75 10.55
N ALA B 167 -15.50 28.39 9.40
CA ALA B 167 -16.35 27.21 9.31
C ALA B 167 -15.59 25.92 9.56
N VAL B 168 -14.26 25.94 9.56
CA VAL B 168 -13.45 24.74 9.73
C VAL B 168 -12.41 24.96 10.81
N PRO B 169 -12.06 23.93 11.60
CA PRO B 169 -11.01 24.11 12.61
C PRO B 169 -9.70 24.63 12.02
N LEU B 170 -9.32 25.85 12.40
CA LEU B 170 -8.08 26.47 11.94
C LEU B 170 -8.02 26.52 10.41
N GLY B 171 -9.18 26.74 9.79
CA GLY B 171 -9.27 26.69 8.35
C GLY B 171 -8.72 27.92 7.68
N ILE B 172 -8.42 27.80 6.39
CA ILE B 172 -7.94 28.90 5.57
C ILE B 172 -8.78 28.99 4.30
N LYS B 173 -9.01 30.22 3.85
CA LYS B 173 -9.73 30.45 2.60
C LYS B 173 -8.95 31.43 1.74
N ALA B 174 -9.00 31.20 0.43
CA ALA B 174 -8.49 32.14 -0.55
C ALA B 174 -9.65 32.98 -1.03
N VAL B 175 -9.58 34.29 -0.78
CA VAL B 175 -10.59 35.24 -1.23
C VAL B 175 -10.10 35.86 -2.53
N VAL B 176 -10.85 35.62 -3.61
CA VAL B 176 -10.52 36.10 -4.94
C VAL B 176 -11.21 37.43 -5.18
N GLU B 177 -10.42 38.45 -5.53
CA GLU B 177 -10.97 39.78 -5.81
C GLU B 177 -11.03 40.09 -7.29
N ALA B 178 -10.22 39.44 -8.11
CA ALA B 178 -10.20 39.69 -9.54
C ALA B 178 -9.57 38.49 -10.25
N ILE B 179 -9.88 38.36 -11.54
CA ILE B 179 -9.33 37.31 -12.38
C ILE B 179 -8.64 37.98 -13.56
N TYR B 180 -7.31 37.85 -13.61
CA TYR B 180 -6.53 38.35 -14.74
C TYR B 180 -6.40 37.26 -15.79
N GLU B 181 -6.69 37.61 -17.05
CA GLU B 181 -6.65 36.66 -18.14
C GLU B 181 -5.34 36.84 -18.91
N PRO B 182 -4.38 35.92 -18.80
CA PRO B 182 -3.08 36.13 -19.43
C PRO B 182 -3.08 35.67 -20.88
N PRO B 183 -1.99 35.92 -21.62
CA PRO B 183 -1.94 35.51 -23.02
C PRO B 183 -2.21 34.01 -23.17
N GLN B 184 -2.97 33.66 -24.19
CA GLN B 184 -3.39 32.27 -24.35
C GLN B 184 -4.00 32.05 -25.73
N VAL B 185 -4.03 30.79 -26.13
CA VAL B 185 -4.76 30.33 -27.30
C VAL B 185 -5.80 29.34 -26.80
N ASP B 186 -7.08 29.66 -27.01
CA ASP B 186 -8.19 28.91 -26.46
C ASP B 186 -8.87 28.11 -27.55
N GLU B 187 -9.23 26.86 -27.25
CA GLU B 187 -9.97 26.02 -28.17
C GLU B 187 -11.14 25.40 -27.42
N ILE B 188 -11.98 24.66 -28.16
CA ILE B 188 -13.18 24.11 -27.54
C ILE B 188 -12.85 23.08 -26.48
N ASP B 189 -11.64 22.53 -26.49
CA ASP B 189 -11.29 21.41 -25.62
C ASP B 189 -9.85 21.55 -25.12
N GLY B 190 -9.41 22.77 -24.84
CA GLY B 190 -8.07 22.96 -24.34
C GLY B 190 -7.65 24.41 -24.36
N ILE B 191 -6.55 24.67 -23.67
CA ILE B 191 -5.98 26.00 -23.57
C ILE B 191 -4.46 25.86 -23.62
N THR B 192 -3.81 26.67 -24.45
CA THR B 192 -2.36 26.74 -24.51
C THR B 192 -1.91 28.10 -24.03
N LEU B 193 -0.99 28.13 -23.08
CA LEU B 193 -0.52 29.40 -22.53
C LEU B 193 0.65 29.93 -23.34
N ASN B 194 0.64 31.23 -23.58
CA ASN B 194 1.70 31.93 -24.26
C ASN B 194 2.51 32.73 -23.25
N PRO B 195 3.72 33.17 -23.61
CA PRO B 195 4.54 33.92 -22.64
C PRO B 195 3.78 35.08 -22.01
N TRP B 196 3.74 35.10 -20.68
CA TRP B 196 3.09 36.17 -19.93
C TRP B 196 4.18 37.22 -19.65
N GLU B 197 4.29 38.19 -20.56
CA GLU B 197 5.43 39.10 -20.55
C GLU B 197 5.35 40.09 -19.39
N ASN B 198 4.15 40.54 -19.04
CA ASN B 198 3.96 41.57 -18.03
C ASN B 198 3.54 41.00 -16.69
N GLU B 199 3.85 39.73 -16.42
CA GLU B 199 3.38 39.11 -15.17
C GLU B 199 3.86 39.87 -13.95
N GLN B 200 5.11 40.33 -13.96
CA GLN B 200 5.64 41.05 -12.81
C GLN B 200 4.98 42.40 -12.64
N GLU B 201 4.60 43.06 -13.73
CA GLU B 201 3.90 44.33 -13.62
C GLU B 201 2.52 44.14 -12.99
N VAL B 202 1.79 43.10 -13.42
CA VAL B 202 0.50 42.81 -12.83
C VAL B 202 0.67 42.45 -11.35
N ASN B 203 1.72 41.71 -11.03
CA ASN B 203 1.98 41.38 -9.63
C ASN B 203 2.24 42.63 -8.82
N GLN B 204 3.00 43.58 -9.37
CA GLN B 204 3.26 44.83 -8.67
C GLN B 204 1.97 45.60 -8.42
N VAL B 205 1.11 45.69 -9.44
CA VAL B 205 -0.17 46.38 -9.27
C VAL B 205 -0.99 45.71 -8.18
N ALA B 206 -1.12 44.37 -8.25
CA ALA B 206 -1.87 43.65 -7.24
C ALA B 206 -1.28 43.86 -5.84
N LYS B 207 0.05 43.98 -5.76
CA LYS B 207 0.70 44.25 -4.49
C LYS B 207 0.30 45.63 -3.95
N TYR B 208 0.28 46.64 -4.83
CA TYR B 208 -0.24 47.94 -4.42
C TYR B 208 -1.66 47.81 -3.88
N CYS B 209 -2.42 46.85 -4.39
CA CYS B 209 -3.78 46.59 -3.89
C CYS B 209 -3.79 45.65 -2.70
N GLY B 210 -2.62 45.25 -2.19
CA GLY B 210 -2.57 44.28 -1.11
C GLY B 210 -3.02 42.90 -1.53
N LEU B 211 -2.81 42.53 -2.79
CA LEU B 211 -3.24 41.25 -3.32
C LEU B 211 -2.05 40.48 -3.85
N GLU B 212 -2.29 39.20 -4.16
CA GLU B 212 -1.28 38.33 -4.72
C GLU B 212 -1.98 37.27 -5.56
N GLN B 213 -1.19 36.54 -6.34
CA GLN B 213 -1.70 35.37 -7.04
C GLN B 213 -2.08 34.31 -6.01
N VAL B 214 -3.31 33.83 -6.08
CA VAL B 214 -3.79 32.81 -5.14
C VAL B 214 -4.19 31.51 -5.83
N GLY B 215 -4.29 31.49 -7.16
CA GLY B 215 -4.66 30.26 -7.83
C GLY B 215 -4.88 30.49 -9.32
N VAL B 216 -5.39 29.44 -9.96
CA VAL B 216 -5.70 29.47 -11.39
C VAL B 216 -7.13 28.97 -11.57
N ILE B 217 -7.76 29.40 -12.66
CA ILE B 217 -9.11 28.98 -12.99
C ILE B 217 -9.19 28.76 -14.50
N TRP B 218 -9.98 27.77 -14.91
CA TRP B 218 -10.23 27.57 -16.33
C TRP B 218 -11.58 26.88 -16.50
N THR B 219 -12.05 26.85 -17.74
CA THR B 219 -13.40 26.39 -18.06
C THR B 219 -13.36 25.11 -18.87
N ASP B 220 -14.39 24.28 -18.67
CA ASP B 220 -14.65 23.12 -19.51
C ASP B 220 -16.16 23.11 -19.82
N LEU B 221 -16.60 24.13 -20.53
CA LEU B 221 -18.02 24.39 -20.74
C LEU B 221 -18.42 24.06 -22.18
N LEU B 222 -19.62 23.52 -22.33
CA LEU B 222 -20.16 23.13 -23.64
C LEU B 222 -21.67 23.22 -23.58
N ASP B 223 -22.26 24.03 -24.45
CA ASP B 223 -23.71 24.21 -24.44
C ASP B 223 -24.40 22.87 -24.67
N ALA B 224 -25.43 22.60 -23.84
CA ALA B 224 -26.14 21.33 -23.94
C ALA B 224 -27.01 21.24 -25.18
N GLY B 225 -27.37 22.38 -25.79
CA GLY B 225 -28.18 22.37 -26.98
C GLY B 225 -29.66 22.33 -26.69
N LYS B 226 -30.09 23.04 -25.65
CA LYS B 226 -31.50 23.12 -25.28
C LYS B 226 -32.02 24.55 -25.26
N GLY B 227 -31.25 25.50 -25.80
CA GLY B 227 -31.70 26.88 -25.88
C GLY B 227 -32.10 27.51 -24.57
N ASP B 228 -31.62 26.97 -23.44
CA ASP B 228 -31.91 27.54 -22.13
C ASP B 228 -30.65 27.86 -21.35
N GLY B 229 -29.49 27.89 -22.00
CA GLY B 229 -28.24 28.17 -21.33
C GLY B 229 -27.61 26.98 -20.63
N SER B 230 -28.36 25.91 -20.41
CA SER B 230 -27.81 24.73 -19.75
C SER B 230 -26.59 24.22 -20.50
N VAL B 231 -25.63 23.68 -19.74
CA VAL B 231 -24.38 23.18 -20.29
C VAL B 231 -24.27 21.70 -19.97
N VAL B 232 -23.32 21.05 -20.64
CA VAL B 232 -23.13 19.61 -20.51
C VAL B 232 -22.39 19.30 -19.23
N CYS B 233 -22.80 18.23 -18.56
CA CYS B 233 -22.09 17.70 -17.40
C CYS B 233 -21.13 16.64 -17.93
N LYS B 234 -19.88 17.06 -18.19
CA LYS B 234 -18.87 16.17 -18.74
C LYS B 234 -17.86 15.71 -17.71
N ARG B 235 -17.79 16.35 -16.55
CA ARG B 235 -16.91 15.94 -15.47
C ARG B 235 -17.75 15.42 -14.32
N HIS B 236 -17.60 14.14 -14.01
CA HIS B 236 -18.44 13.47 -13.03
C HIS B 236 -17.78 12.15 -12.65
N ALA B 237 -18.47 11.35 -11.84
CA ALA B 237 -17.91 10.11 -11.35
C ALA B 237 -17.53 9.18 -12.50
N ASP B 238 -18.46 8.97 -13.43
CA ASP B 238 -18.21 8.05 -14.53
C ASP B 238 -17.20 8.58 -15.54
N SER B 239 -16.73 9.81 -15.38
CA SER B 239 -15.68 10.35 -16.24
C SER B 239 -14.48 10.76 -15.39
N TYR B 240 -14.25 12.06 -15.23
CA TYR B 240 -13.15 12.54 -14.41
C TYR B 240 -13.46 13.94 -13.95
N PHE B 241 -12.81 14.32 -12.84
CA PHE B 241 -12.86 15.69 -12.33
C PHE B 241 -11.62 16.50 -12.68
N LEU B 242 -10.45 15.86 -12.69
CA LEU B 242 -9.23 16.48 -13.19
C LEU B 242 -8.49 15.46 -14.04
N ALA B 243 -8.02 15.91 -15.21
CA ALA B 243 -7.23 15.06 -16.09
C ALA B 243 -5.77 15.10 -15.68
N ALA B 244 -5.06 14.02 -15.98
CA ALA B 244 -3.65 13.91 -15.59
C ALA B 244 -2.85 15.12 -16.06
N GLN B 245 -3.09 15.59 -17.29
CA GLN B 245 -2.36 16.75 -17.80
C GLN B 245 -2.71 18.00 -17.02
N GLU B 246 -3.99 18.17 -16.66
CA GLU B 246 -4.37 19.28 -15.80
C GLU B 246 -3.68 19.17 -14.46
N ILE B 247 -3.55 17.95 -13.94
CA ILE B 247 -2.87 17.74 -12.66
C ILE B 247 -1.42 18.18 -12.76
N VAL B 248 -0.75 17.82 -13.87
CA VAL B 248 0.66 18.20 -14.04
C VAL B 248 0.78 19.72 -14.14
N PHE B 249 -0.13 20.35 -14.88
CA PHE B 249 -0.10 21.80 -15.00
C PHE B 249 -0.24 22.47 -13.64
N ALA B 250 -1.27 22.08 -12.88
CA ALA B 250 -1.48 22.68 -11.56
C ALA B 250 -0.34 22.38 -10.60
N ALA B 251 0.27 21.19 -10.71
CA ALA B 251 1.40 20.86 -9.85
C ALA B 251 2.60 21.74 -10.17
N ARG B 252 2.90 21.93 -11.46
CA ARG B 252 3.95 22.85 -11.85
C ARG B 252 3.69 24.24 -11.29
N LEU B 253 2.44 24.71 -11.38
CA LEU B 253 2.11 26.02 -10.84
C LEU B 253 2.34 26.07 -9.33
N GLN B 254 1.91 25.05 -8.61
CA GLN B 254 2.10 25.03 -7.16
C GLN B 254 3.59 25.03 -6.81
N ALA B 255 4.41 24.32 -7.58
CA ALA B 255 5.85 24.34 -7.33
C ALA B 255 6.42 25.74 -7.46
N GLN B 256 5.84 26.56 -8.31
CA GLN B 256 6.30 27.94 -8.49
C GLN B 256 5.74 28.90 -7.44
N HIS B 257 4.90 28.42 -6.54
CA HIS B 257 4.31 29.25 -5.48
C HIS B 257 4.44 28.54 -4.14
N PRO B 258 5.66 28.31 -3.67
CA PRO B 258 5.84 27.63 -2.38
C PRO B 258 5.39 28.50 -1.22
N LYS B 259 4.89 27.85 -0.17
CA LYS B 259 4.47 28.56 1.03
C LYS B 259 5.60 28.54 2.05
N PRO B 260 6.08 29.68 2.53
CA PRO B 260 7.12 29.65 3.57
C PRO B 260 6.55 29.21 4.91
N SER B 261 7.35 28.44 5.64
CA SER B 261 6.90 27.88 6.92
C SER B 261 8.08 27.75 7.87
N LYS B 262 7.94 28.29 9.08
CA LYS B 262 8.94 28.14 10.12
C LYS B 262 8.94 26.75 10.75
N TRP B 263 8.09 25.84 10.26
CA TRP B 263 7.97 24.50 10.81
C TRP B 263 8.51 23.42 9.88
N SER B 264 9.09 23.79 8.74
CA SER B 264 9.60 22.84 7.77
C SER B 264 11.12 22.81 7.81
N ASP B 265 11.69 21.65 7.50
CA ASP B 265 13.13 21.49 7.46
C ASP B 265 13.77 22.36 6.38
N THR B 266 13.00 22.86 5.43
CA THR B 266 13.51 23.67 4.34
C THR B 266 13.00 25.10 4.35
N GLY B 267 12.22 25.49 5.35
CA GLY B 267 11.66 26.82 5.40
C GLY B 267 10.41 27.02 4.57
N ARG B 268 10.04 26.04 3.75
CA ARG B 268 8.82 26.12 2.95
C ARG B 268 8.11 24.77 3.01
N PHE B 269 6.79 24.80 2.95
CA PHE B 269 5.99 23.57 3.00
C PHE B 269 4.70 23.81 2.23
N GLY B 270 4.47 22.98 1.22
CA GLY B 270 3.24 23.06 0.45
C GLY B 270 3.12 24.37 -0.31
N SER B 271 1.88 24.63 -0.75
CA SER B 271 1.57 25.81 -1.54
C SER B 271 0.10 26.13 -1.36
N ASN B 272 -0.20 27.42 -1.27
CA ASN B 272 -1.58 27.88 -1.14
C ASN B 272 -2.25 28.13 -2.49
N PHE B 273 -1.56 27.84 -3.59
CA PHE B 273 -2.11 28.06 -4.92
C PHE B 273 -3.23 27.06 -5.16
N VAL B 274 -4.45 27.57 -5.38
CA VAL B 274 -5.62 26.74 -5.58
C VAL B 274 -5.85 26.57 -7.08
N THR B 275 -6.72 25.62 -7.43
CA THR B 275 -7.07 25.37 -8.82
C THR B 275 -8.58 25.24 -8.94
N CYS B 276 -9.18 26.05 -9.82
CA CYS B 276 -10.62 26.06 -9.99
C CYS B 276 -11.00 25.65 -11.41
N VAL B 277 -12.07 24.87 -11.52
CA VAL B 277 -12.58 24.40 -12.79
C VAL B 277 -14.06 24.76 -12.87
N VAL B 278 -14.44 25.47 -13.92
CA VAL B 278 -15.82 25.87 -14.17
C VAL B 278 -16.41 24.93 -15.22
N SER B 279 -17.49 24.26 -14.88
CA SER B 279 -18.10 23.30 -15.79
C SER B 279 -19.52 23.03 -15.36
N GLY B 280 -20.19 22.12 -16.08
CA GLY B 280 -21.58 21.82 -15.82
C GLY B 280 -21.73 20.70 -14.79
N ASN B 281 -22.68 20.89 -13.87
CA ASN B 281 -23.00 19.87 -12.90
C ASN B 281 -24.14 18.98 -13.44
N GLU B 282 -24.53 17.99 -12.65
CA GLU B 282 -25.51 17.01 -13.11
C GLU B 282 -26.88 17.62 -13.41
N GLN B 283 -27.09 18.89 -13.08
CA GLN B 283 -28.31 19.59 -13.46
C GLN B 283 -28.10 20.52 -14.65
N GLY B 284 -26.95 20.42 -15.31
CA GLY B 284 -26.65 21.28 -16.44
C GLY B 284 -26.43 22.73 -16.08
N GLU B 285 -26.13 23.02 -14.81
CA GLU B 285 -25.88 24.38 -14.34
C GLU B 285 -24.38 24.64 -14.29
N ILE B 286 -23.99 25.86 -14.62
CA ILE B 286 -22.59 26.28 -14.50
C ILE B 286 -22.21 26.31 -13.03
N SER B 287 -21.15 25.59 -12.68
CA SER B 287 -20.70 25.45 -11.31
C SER B 287 -19.19 25.43 -11.28
N ILE B 288 -18.64 25.63 -10.08
CA ILE B 288 -17.19 25.67 -9.85
C ILE B 288 -16.79 24.51 -8.97
N SER B 289 -15.57 24.02 -9.18
CA SER B 289 -14.96 23.00 -8.34
C SER B 289 -13.53 23.40 -8.02
N ALA B 290 -13.18 23.38 -6.74
CA ALA B 290 -11.87 23.82 -6.26
C ALA B 290 -11.03 22.62 -5.83
N TYR B 291 -9.74 22.67 -6.13
CA TYR B 291 -8.83 21.57 -5.87
C TYR B 291 -7.46 22.11 -5.48
N GLN B 292 -6.62 21.20 -4.98
CA GLN B 292 -5.20 21.45 -4.82
C GLN B 292 -4.46 20.15 -5.06
N MET B 293 -3.34 20.22 -5.78
CA MET B 293 -2.53 19.04 -6.00
C MET B 293 -1.78 18.68 -4.72
N SER B 294 -1.74 17.39 -4.42
CA SER B 294 -1.02 16.93 -3.23
C SER B 294 0.44 17.35 -3.30
N ASN B 295 1.06 17.47 -2.13
CA ASN B 295 2.49 17.80 -2.09
C ASN B 295 3.31 16.69 -2.73
N ASP B 296 2.88 15.44 -2.58
CA ASP B 296 3.55 14.33 -3.26
C ASP B 296 3.47 14.51 -4.78
N ALA B 297 2.31 14.91 -5.29
CA ALA B 297 2.16 15.15 -6.72
C ALA B 297 3.12 16.25 -7.19
N VAL B 298 3.19 17.35 -6.43
CA VAL B 298 4.09 18.45 -6.79
C VAL B 298 5.53 17.96 -6.83
N GLU B 299 5.94 17.17 -5.84
CA GLU B 299 7.31 16.68 -5.81
C GLU B 299 7.59 15.72 -6.94
N MET B 300 6.63 14.86 -7.27
CA MET B 300 6.83 13.90 -8.35
C MET B 300 6.90 14.59 -9.70
N VAL B 301 6.14 15.67 -9.90
CA VAL B 301 6.27 16.43 -11.13
C VAL B 301 7.60 17.18 -11.15
N ARG B 302 8.05 17.67 -10.00
CA ARG B 302 9.38 18.29 -9.94
C ARG B 302 10.47 17.27 -10.27
N ALA B 303 10.24 16.01 -9.91
CA ALA B 303 11.22 14.95 -10.16
C ALA B 303 11.07 14.31 -11.53
N ASP B 304 10.12 14.75 -12.34
CA ASP B 304 9.87 14.17 -13.65
C ASP B 304 9.73 12.66 -13.55
N ILE B 305 8.87 12.22 -12.63
CA ILE B 305 8.69 10.81 -12.34
C ILE B 305 7.40 10.32 -12.99
N ILE B 306 6.41 11.20 -13.11
CA ILE B 306 5.10 10.84 -13.64
C ILE B 306 4.83 11.68 -14.89
N GLU B 307 3.83 11.26 -15.66
CA GLU B 307 3.41 12.00 -16.84
C GLU B 307 2.04 11.50 -17.26
N PRO B 308 1.27 12.31 -18.00
CA PRO B 308 -0.09 11.91 -18.36
C PRO B 308 -0.08 10.73 -19.32
N SER B 309 -1.12 9.91 -19.22
CA SER B 309 -1.33 8.78 -20.12
C SER B 309 -2.35 9.14 -21.20
N ALA B 310 -2.51 8.22 -22.16
CA ALA B 310 -3.54 8.40 -23.18
C ALA B 310 -4.93 8.37 -22.57
N ASP B 311 -5.07 7.86 -21.35
CA ASP B 311 -6.34 7.91 -20.63
C ASP B 311 -6.27 9.04 -19.62
N PRO B 312 -7.12 10.08 -19.73
CA PRO B 312 -6.99 11.21 -18.80
C PRO B 312 -7.15 10.82 -17.34
N THR B 313 -7.72 9.65 -17.04
CA THR B 313 -7.93 9.21 -15.67
C THR B 313 -6.72 8.46 -15.10
N LEU B 314 -5.64 8.33 -15.85
CA LEU B 314 -4.49 7.54 -15.42
C LEU B 314 -3.21 8.33 -15.62
N MET B 315 -2.32 8.22 -14.64
CA MET B 315 -0.99 8.83 -14.69
C MET B 315 0.05 7.72 -14.83
N LEU B 316 0.92 7.87 -15.82
CA LEU B 316 2.02 6.94 -16.04
C LEU B 316 3.21 7.29 -15.16
N VAL B 317 3.92 6.25 -14.72
CA VAL B 317 5.24 6.41 -14.13
C VAL B 317 6.26 6.24 -15.24
N ARG B 318 7.09 7.25 -15.43
CA ARG B 318 8.06 7.24 -16.53
C ARG B 318 9.07 6.10 -16.34
N GLU B 319 9.64 5.68 -17.46
CA GLU B 319 10.56 4.54 -17.47
C GLU B 319 11.99 5.00 -17.22
N GLU B 320 12.85 4.03 -16.91
CA GLU B 320 14.26 4.28 -16.67
C GLU B 320 14.94 4.79 -17.94
N THR B 330 18.39 11.99 -17.17
CA THR B 330 17.88 13.26 -16.68
C THR B 330 16.91 13.06 -15.53
N ARG B 331 16.71 11.81 -15.11
CA ARG B 331 15.77 11.51 -14.04
C ARG B 331 16.06 10.13 -13.49
N TYR B 332 15.55 9.88 -12.28
CA TYR B 332 15.67 8.60 -11.61
C TYR B 332 14.29 8.14 -11.19
N ILE B 333 13.93 6.91 -11.56
CA ILE B 333 12.62 6.35 -11.27
C ILE B 333 12.73 5.32 -10.17
N PRO B 334 12.35 5.62 -8.93
CA PRO B 334 12.33 4.58 -7.89
C PRO B 334 11.07 3.73 -7.98
N GLU B 335 10.87 2.85 -7.02
CA GLU B 335 9.59 2.16 -6.90
C GLU B 335 8.52 3.14 -6.45
N VAL B 336 7.31 2.98 -6.99
CA VAL B 336 6.20 3.87 -6.69
C VAL B 336 4.99 3.00 -6.38
N PHE B 337 4.63 2.93 -5.09
CA PHE B 337 3.39 2.32 -4.64
C PHE B 337 2.44 3.41 -4.16
N TYR B 338 1.15 3.09 -4.14
CA TYR B 338 0.17 3.97 -3.53
C TYR B 338 -0.78 3.18 -2.64
N ARG B 339 -1.21 3.83 -1.56
CA ARG B 339 -2.06 3.21 -0.55
C ARG B 339 -3.49 3.72 -0.72
N LYS B 340 -4.46 2.82 -0.58
CA LYS B 340 -5.87 3.13 -0.72
C LYS B 340 -6.63 2.50 0.44
N ILE B 341 -7.94 2.74 0.49
CA ILE B 341 -8.81 2.17 1.52
C ILE B 341 -9.96 1.45 0.85
N ASN B 342 -10.17 0.19 1.24
CA ASN B 342 -11.27 -0.62 0.73
C ASN B 342 -12.54 -0.36 1.53
N GLU B 343 -13.63 -1.03 1.15
CA GLU B 343 -14.90 -0.82 1.83
C GLU B 343 -14.82 -1.25 3.29
N TYR B 344 -13.92 -2.18 3.62
CA TYR B 344 -13.77 -2.63 5.01
C TYR B 344 -12.99 -1.64 5.87
N GLY B 345 -12.46 -0.57 5.28
CA GLY B 345 -11.73 0.43 6.02
C GLY B 345 -10.24 0.17 6.17
N ALA B 346 -9.76 -0.97 5.67
CA ALA B 346 -8.35 -1.30 5.79
C ALA B 346 -7.53 -0.63 4.68
N ASN B 347 -6.25 -0.46 4.95
CA ASN B 347 -5.32 0.07 3.96
C ASN B 347 -4.84 -1.03 3.04
N VAL B 348 -4.73 -0.70 1.75
CA VAL B 348 -4.29 -1.63 0.71
C VAL B 348 -3.15 -0.97 -0.03
N LEU B 349 -2.12 -1.76 -0.34
CA LEU B 349 -0.94 -1.28 -1.05
C LEU B 349 -0.96 -1.78 -2.49
N GLU B 350 -1.03 -0.85 -3.44
CA GLU B 350 -1.00 -1.15 -4.86
C GLU B 350 0.30 -0.64 -5.47
N ASN B 351 0.76 -1.33 -6.51
CA ASN B 351 1.92 -0.86 -7.27
C ASN B 351 1.45 0.19 -8.27
N ALA B 352 1.95 1.42 -8.13
CA ALA B 352 1.50 2.51 -9.00
C ALA B 352 1.93 2.31 -10.45
N LYS B 353 2.91 1.46 -10.72
CA LYS B 353 3.32 1.21 -12.09
C LYS B 353 2.40 0.19 -12.75
N PRO B 354 2.18 0.29 -14.07
CA PRO B 354 2.73 1.30 -14.99
C PRO B 354 1.92 2.59 -14.99
N ALA B 355 0.71 2.53 -14.43
CA ALA B 355 -0.19 3.66 -14.39
C ALA B 355 -1.09 3.54 -13.18
N PHE B 356 -1.48 4.68 -12.62
CA PHE B 356 -2.32 4.69 -11.44
C PHE B 356 -3.40 5.75 -11.59
N PRO B 357 -4.50 5.62 -10.85
CA PRO B 357 -5.58 6.62 -10.96
C PRO B 357 -5.12 7.99 -10.51
N VAL B 358 -5.71 9.02 -11.13
CA VAL B 358 -5.32 10.39 -10.82
C VAL B 358 -5.98 10.92 -9.56
N GLU B 359 -7.07 10.31 -9.10
CA GLU B 359 -7.75 10.79 -7.90
C GLU B 359 -6.82 10.81 -6.70
N TYR B 360 -5.76 10.00 -6.71
CA TYR B 360 -4.83 9.93 -5.59
C TYR B 360 -3.86 11.10 -5.56
N LEU B 361 -3.94 12.02 -6.52
CA LEU B 361 -2.95 13.08 -6.66
C LEU B 361 -3.49 14.46 -6.29
N PHE B 362 -4.75 14.58 -5.88
CA PHE B 362 -5.27 15.89 -5.54
C PHE B 362 -6.30 15.77 -4.42
N VAL B 363 -6.57 16.92 -3.79
CA VAL B 363 -7.55 17.07 -2.74
C VAL B 363 -8.55 18.12 -3.19
N THR B 364 -9.75 18.05 -2.61
CA THR B 364 -10.87 18.91 -2.98
C THR B 364 -11.10 19.98 -1.92
N LEU B 365 -11.46 21.17 -2.39
CA LEU B 365 -11.77 22.31 -1.52
C LEU B 365 -13.22 22.72 -1.72
N THR B 366 -13.78 23.35 -0.70
CA THR B 366 -15.09 23.97 -0.82
C THR B 366 -14.96 25.36 -1.45
N HIS B 367 -16.09 25.90 -1.88
CA HIS B 367 -16.10 27.21 -2.52
C HIS B 367 -17.42 27.89 -2.21
N GLY B 368 -17.45 29.20 -2.42
CA GLY B 368 -18.69 29.94 -2.26
C GLY B 368 -18.50 31.43 -2.38
N PHE B 369 -19.62 32.14 -2.27
CA PHE B 369 -19.67 33.58 -2.20
C PHE B 369 -19.99 34.02 -0.78
N PRO B 370 -19.52 35.20 -0.36
CA PRO B 370 -19.77 35.63 1.02
C PRO B 370 -21.23 35.99 1.25
N ASP B 371 -21.63 35.89 2.52
CA ASP B 371 -22.98 36.23 2.95
C ASP B 371 -23.46 37.54 2.33
N SER B 372 -22.82 38.65 2.70
CA SER B 372 -23.12 39.96 2.14
C SER B 372 -21.88 40.45 1.41
N PRO B 373 -21.83 40.38 0.07
CA PRO B 373 -20.58 40.73 -0.62
C PRO B 373 -20.17 42.16 -0.39
N SER B 374 -18.89 42.35 -0.08
CA SER B 374 -18.27 43.66 0.03
C SER B 374 -16.95 43.62 -0.74
N PRO B 375 -17.01 43.50 -2.06
CA PRO B 375 -15.80 43.27 -2.83
C PRO B 375 -14.86 44.47 -2.79
N LEU B 376 -13.58 44.17 -3.04
CA LEU B 376 -12.56 45.23 -3.09
C LEU B 376 -12.75 46.09 -4.34
N PHE B 377 -12.94 45.46 -5.50
CA PHE B 377 -13.14 46.17 -6.75
C PHE B 377 -14.63 46.21 -7.04
N THR B 378 -15.20 47.41 -7.02
CA THR B 378 -16.65 47.58 -7.12
C THR B 378 -17.11 48.00 -8.51
N ASP B 379 -16.21 48.49 -9.36
CA ASP B 379 -16.58 49.04 -10.66
C ASP B 379 -16.18 48.09 -11.77
N ASN B 380 -17.12 47.79 -12.65
CA ASN B 380 -16.87 47.05 -13.89
C ASN B 380 -17.01 48.07 -15.02
N ILE B 381 -15.89 48.69 -15.38
CA ILE B 381 -15.92 49.89 -16.22
C ILE B 381 -14.82 49.86 -17.26
N PHE B 382 -14.15 48.72 -17.44
CA PHE B 382 -13.01 48.67 -18.33
C PHE B 382 -12.95 47.32 -19.04
N PRO B 383 -12.59 47.30 -20.33
CA PRO B 383 -12.46 46.01 -21.03
C PRO B 383 -11.33 45.18 -20.46
N ILE B 384 -11.51 43.86 -20.53
CA ILE B 384 -10.54 42.92 -19.97
C ILE B 384 -9.43 42.66 -20.98
N GLU B 385 -8.25 42.40 -20.45
CA GLU B 385 -7.03 42.26 -21.24
C GLU B 385 -7.03 40.97 -22.06
N ASN B 386 -6.19 40.96 -23.09
CA ASN B 386 -5.92 39.76 -23.89
C ASN B 386 -7.20 39.17 -24.46
N ARG B 387 -8.11 40.03 -24.90
CA ARG B 387 -9.36 39.62 -25.53
C ARG B 387 -9.45 40.18 -26.95
N GLU B 388 -8.30 40.44 -27.57
CA GLU B 388 -8.30 40.88 -28.96
C GLU B 388 -8.94 39.85 -29.87
N TYR B 389 -8.77 38.56 -29.55
CA TYR B 389 -9.30 37.49 -30.38
C TYR B 389 -10.82 37.49 -30.43
N VAL B 390 -11.49 38.27 -29.59
CA VAL B 390 -12.93 38.43 -29.63
C VAL B 390 -13.33 39.88 -29.87
N GLY B 391 -12.41 40.71 -30.36
CA GLY B 391 -12.72 42.08 -30.69
C GLY B 391 -12.88 43.02 -29.51
N GLU B 392 -12.36 42.64 -28.34
CA GLU B 392 -12.44 43.46 -27.14
C GLU B 392 -11.06 44.01 -26.82
N ALA B 393 -10.87 45.31 -27.03
CA ALA B 393 -9.56 45.94 -26.93
C ALA B 393 -9.54 46.98 -25.82
N GLN B 394 -8.42 47.06 -25.12
CA GLN B 394 -8.19 48.08 -24.10
C GLN B 394 -7.49 49.27 -24.76
N GLU B 395 -8.12 50.45 -24.66
CA GLU B 395 -7.58 51.67 -25.26
C GLU B 395 -7.58 52.78 -24.23
N VAL B 396 -6.73 53.78 -24.48
CA VAL B 396 -6.67 54.96 -23.61
C VAL B 396 -8.01 55.68 -23.59
N SER B 397 -8.76 55.63 -24.69
CA SER B 397 -10.08 56.26 -24.71
C SER B 397 -11.03 55.60 -23.72
N ALA B 398 -10.91 54.29 -23.52
CA ALA B 398 -11.71 53.63 -22.48
C ALA B 398 -11.32 54.13 -21.10
N VAL B 399 -10.03 54.43 -20.90
CA VAL B 399 -9.59 55.03 -19.64
C VAL B 399 -10.22 56.41 -19.48
N ALA B 400 -10.17 57.22 -20.53
CA ALA B 400 -10.73 58.56 -20.48
C ALA B 400 -12.22 58.52 -20.14
N LYS B 401 -12.94 57.54 -20.69
CA LYS B 401 -14.35 57.41 -20.34
C LYS B 401 -14.52 56.99 -18.89
N ALA B 402 -13.77 55.96 -18.46
CA ALA B 402 -13.92 55.46 -17.10
C ALA B 402 -13.65 56.55 -16.08
N LEU B 403 -12.61 57.36 -16.32
CA LEU B 403 -12.30 58.47 -15.42
C LEU B 403 -13.16 59.69 -15.69
N LYS B 404 -14.11 59.61 -16.62
CA LYS B 404 -15.04 60.70 -16.92
C LYS B 404 -14.31 62.04 -16.98
N VAL B 405 -13.31 62.08 -17.86
CA VAL B 405 -12.37 63.19 -17.91
C VAL B 405 -12.96 64.41 -18.63
N HIS B 406 -14.00 64.22 -19.45
CA HIS B 406 -14.66 65.31 -20.15
C HIS B 406 -16.01 65.67 -19.55
N GLU B 407 -16.43 65.00 -18.48
CA GLU B 407 -17.73 65.22 -17.87
C GLU B 407 -17.58 65.94 -16.55
N ALA B 408 -18.72 66.39 -16.01
CA ALA B 408 -18.76 67.23 -14.82
C ALA B 408 -18.09 66.54 -13.64
N ASP B 409 -18.17 67.16 -12.46
CA ASP B 409 -17.46 66.68 -11.28
C ASP B 409 -18.26 65.55 -10.64
N ALA B 410 -17.87 64.33 -10.95
CA ALA B 410 -18.48 63.11 -10.44
C ALA B 410 -17.53 62.46 -9.44
N PRO B 411 -18.01 61.54 -8.61
CA PRO B 411 -17.10 60.87 -7.67
C PRO B 411 -16.18 59.95 -8.44
N MET B 412 -14.96 59.82 -7.92
CA MET B 412 -13.95 59.01 -8.59
C MET B 412 -14.39 57.55 -8.61
N ASN B 413 -14.19 56.90 -9.76
CA ASN B 413 -14.56 55.49 -9.93
C ASN B 413 -13.41 54.80 -10.67
N VAL B 414 -12.45 54.31 -9.89
CA VAL B 414 -11.27 53.63 -10.43
C VAL B 414 -11.13 52.26 -9.78
N SER B 415 -12.24 51.72 -9.28
CA SER B 415 -12.22 50.46 -8.53
C SER B 415 -12.37 49.28 -9.50
N ASP B 416 -11.35 49.13 -10.35
CA ASP B 416 -11.32 48.09 -11.36
C ASP B 416 -9.88 47.64 -11.56
N PHE B 417 -9.60 46.37 -11.27
CA PHE B 417 -8.22 45.88 -11.31
C PHE B 417 -7.63 45.98 -12.71
N HIS B 418 -8.43 45.72 -13.74
CA HIS B 418 -7.93 45.75 -15.11
C HIS B 418 -7.60 47.18 -15.53
N LEU B 419 -8.45 48.13 -15.13
CA LEU B 419 -8.14 49.54 -15.34
C LEU B 419 -6.83 49.92 -14.67
N LEU B 420 -6.62 49.46 -13.44
CA LEU B 420 -5.39 49.79 -12.73
C LEU B 420 -4.18 49.22 -13.46
N CYS B 421 -4.29 47.98 -13.95
CA CYS B 421 -3.18 47.40 -14.71
C CYS B 421 -2.90 48.21 -15.97
N PHE B 422 -3.94 48.59 -16.71
CA PHE B 422 -3.73 49.40 -17.91
C PHE B 422 -3.07 50.73 -17.58
N ILE B 423 -3.52 51.40 -16.52
CA ILE B 423 -2.92 52.67 -16.12
C ILE B 423 -1.45 52.46 -15.77
N HIS B 424 -1.15 51.41 -15.00
CA HIS B 424 0.24 51.06 -14.73
C HIS B 424 1.03 50.94 -16.03
N GLN B 425 0.44 50.29 -17.03
CA GLN B 425 1.11 50.18 -18.32
C GLN B 425 1.37 51.55 -18.93
N MET B 426 0.44 52.48 -18.76
CA MET B 426 0.60 53.81 -19.34
C MET B 426 1.86 54.50 -18.83
N SER B 427 2.32 54.14 -17.63
CA SER B 427 3.58 54.65 -17.09
C SER B 427 3.58 56.19 -17.02
N VAL B 428 2.57 56.72 -16.31
CA VAL B 428 2.45 58.15 -16.09
C VAL B 428 2.63 58.51 -14.62
N LEU B 429 2.02 57.74 -13.72
CA LEU B 429 2.09 58.00 -12.30
C LEU B 429 3.37 57.42 -11.70
N SER B 430 3.92 58.13 -10.72
CA SER B 430 5.05 57.62 -9.98
C SER B 430 4.62 56.46 -9.08
N LYS B 431 5.60 55.82 -8.46
CA LYS B 431 5.30 54.69 -7.59
C LYS B 431 4.38 55.10 -6.44
N GLU B 432 4.63 56.27 -5.85
CA GLU B 432 3.80 56.73 -4.75
C GLU B 432 2.39 57.09 -5.23
N GLU B 433 2.29 57.78 -6.36
CA GLU B 433 0.99 58.16 -6.89
C GLU B 433 0.18 56.93 -7.28
N GLU B 434 0.82 55.95 -7.91
CA GLU B 434 0.11 54.73 -8.28
C GLU B 434 -0.30 53.93 -7.04
N ALA B 435 0.57 53.87 -6.03
CA ALA B 435 0.20 53.21 -4.79
C ALA B 435 -1.03 53.86 -4.18
N LEU B 436 -1.07 55.19 -4.17
CA LEU B 436 -2.24 55.90 -3.66
C LEU B 436 -3.46 55.63 -4.51
N LEU B 437 -3.29 55.55 -5.84
CA LEU B 437 -4.40 55.23 -6.72
C LEU B 437 -5.00 53.87 -6.37
N CYS B 438 -4.14 52.87 -6.17
CA CYS B 438 -4.63 51.54 -5.82
C CYS B 438 -5.28 51.55 -4.45
N ARG B 439 -4.74 52.35 -3.52
CA ARG B 439 -5.35 52.47 -2.21
C ARG B 439 -6.75 53.08 -2.30
N VAL B 440 -6.93 54.05 -3.18
CA VAL B 440 -8.25 54.64 -3.38
C VAL B 440 -9.18 53.64 -4.04
N ALA B 441 -8.66 52.85 -4.98
CA ALA B 441 -9.50 51.88 -5.67
C ALA B 441 -9.98 50.78 -4.73
N THR B 442 -9.14 50.35 -3.80
CA THR B 442 -9.48 49.23 -2.94
C THR B 442 -10.17 49.63 -1.64
N LEU B 443 -9.81 50.79 -1.06
CA LEU B 443 -10.38 51.20 0.22
C LEU B 443 -11.44 52.28 0.09
N HIS B 444 -11.42 53.06 -0.98
CA HIS B 444 -12.50 54.01 -1.29
C HIS B 444 -12.59 55.14 -0.26
N ASP B 445 -11.45 55.70 0.14
CA ASP B 445 -11.43 56.81 1.08
C ASP B 445 -11.44 58.14 0.33
N LEU B 446 -12.45 58.97 0.61
CA LEU B 446 -12.62 60.22 -0.12
C LEU B 446 -11.43 61.14 0.06
N ALA B 447 -10.93 61.27 1.29
CA ALA B 447 -9.79 62.13 1.54
C ALA B 447 -8.59 61.72 0.70
N GLU B 448 -8.36 60.41 0.56
CA GLU B 448 -7.25 59.94 -0.25
C GLU B 448 -7.51 60.17 -1.74
N SER B 449 -8.77 60.16 -2.17
CA SER B 449 -9.07 60.51 -3.55
C SER B 449 -8.71 61.96 -3.84
N PHE B 450 -9.09 62.87 -2.94
CA PHE B 450 -8.67 64.27 -3.08
C PHE B 450 -7.15 64.38 -3.08
N GLN B 451 -6.49 63.69 -2.15
CA GLN B 451 -5.04 63.73 -2.10
C GLN B 451 -4.42 63.31 -3.43
N LEU B 452 -4.96 62.26 -4.04
CA LEU B 452 -4.48 61.83 -5.35
C LEU B 452 -4.72 62.89 -6.41
N ARG B 453 -5.92 63.48 -6.42
CA ARG B 453 -6.25 64.50 -7.42
C ARG B 453 -5.34 65.72 -7.33
N SER B 454 -4.67 65.93 -6.20
CA SER B 454 -3.79 67.08 -6.05
C SER B 454 -2.39 66.84 -6.61
N THR B 455 -2.04 65.59 -6.89
CA THR B 455 -0.69 65.29 -7.34
C THR B 455 -0.49 65.76 -8.79
N THR B 456 0.77 66.01 -9.13
CA THR B 456 1.09 66.43 -10.49
C THR B 456 0.91 65.30 -11.47
N GLY B 457 1.26 64.07 -11.07
CA GLY B 457 1.08 62.93 -11.95
C GLY B 457 -0.36 62.71 -12.34
N TRP B 458 -1.28 62.85 -11.38
CA TRP B 458 -2.69 62.69 -11.70
C TRP B 458 -3.14 63.71 -12.73
N GLN B 459 -2.72 64.97 -12.58
CA GLN B 459 -3.13 66.01 -13.52
C GLN B 459 -2.52 65.78 -14.88
N THR B 460 -1.27 65.32 -14.93
CA THR B 460 -0.65 64.97 -16.19
C THR B 460 -1.44 63.86 -16.89
N LEU B 461 -1.79 62.82 -16.14
CA LEU B 461 -2.61 61.74 -16.68
C LEU B 461 -3.95 62.28 -17.18
N HIS B 462 -4.53 63.23 -16.45
CA HIS B 462 -5.84 63.77 -16.81
C HIS B 462 -5.76 64.54 -18.11
N MET B 463 -4.70 65.33 -18.29
CA MET B 463 -4.50 66.04 -19.55
C MET B 463 -4.29 65.07 -20.70
N ILE B 464 -3.44 64.05 -20.48
CA ILE B 464 -3.21 63.05 -21.52
C ILE B 464 -4.53 62.42 -21.94
N LEU B 465 -5.35 62.02 -20.97
CA LEU B 465 -6.62 61.39 -21.30
C LEU B 465 -7.52 62.37 -22.02
N GLN B 466 -7.46 63.65 -21.66
CA GLN B 466 -8.27 64.66 -22.35
C GLN B 466 -7.82 64.86 -23.79
N SER B 467 -6.58 64.52 -24.12
CA SER B 467 -6.06 64.74 -25.46
C SER B 467 -6.03 63.45 -26.28
N THR B 468 -7.13 62.71 -26.31
CA THR B 468 -7.23 61.53 -27.15
C THR B 468 -8.61 61.46 -27.82
ZN ZN C . -31.87 -44.01 -3.18
ZN ZN D . 19.48 -40.43 -25.76
ZN ZN E . -19.22 14.88 31.03
ZN ZN F . 25.76 8.98 -3.82
#